data_7T8L
#
_entry.id   7T8L
#
_cell.length_a   65.414
_cell.length_b   48.672
_cell.length_c   96.005
_cell.angle_alpha   90.000
_cell.angle_beta   102.251
_cell.angle_gamma   90.000
#
_symmetry.space_group_name_H-M   'P 1 21 1'
#
loop_
_entity.id
_entity.type
_entity.pdbx_description
1 polymer BrxR
2 non-polymer 1,2-ETHANEDIOL
3 non-polymer 'CHLORIDE ION'
4 water water
#
_entity_poly.entity_id   1
_entity_poly.type   'polypeptide(L)'
_entity_poly.pdbx_seq_one_letter_code
;GSH(MSE)TADKHEVLLR(MSE)RAIELLAYWEGRLVTTRL(MSE)NWFGLSRQQASADIKRYNTLYNPDALIHDPSVKG
YVPKASFQPVLTTAHINEYLN(MSE)LSGLVSESHALIA(MSE)PEPNLAAVQLPDRSVRPEVIREVLRACRNQSTLK
(MSE)IYAS(MSE)QNPQWHERIISPHTLVYTGFRWHVRAY(CSD)HQSKQFKDFLLSRIDRTPVVVAIESVDPAQDQQW
HEEIVLTLIPNPKLNSSQQALVEKDFG(MSE)PDGRLQIPVKKALAHYTLQRYQTAITLAEAEDALKYPLVLQRSDIEKL
SSYLFDQAS
;
_entity_poly.pdbx_strand_id   A,B
#
loop_
_chem_comp.id
_chem_comp.type
_chem_comp.name
_chem_comp.formula
CL non-polymer 'CHLORIDE ION' 'Cl -1'
EDO non-polymer 1,2-ETHANEDIOL 'C2 H6 O2'
#
# COMPACT_ATOMS: atom_id res chain seq x y z
N ALA A 6 -8.48 -27.76 8.25
CA ALA A 6 -7.91 -28.65 7.18
C ALA A 6 -7.22 -27.81 6.10
N ASP A 7 -7.71 -26.59 5.82
CA ASP A 7 -7.46 -25.85 4.55
C ASP A 7 -6.12 -25.08 4.57
N LYS A 8 -5.29 -25.39 3.59
CA LYS A 8 -4.02 -24.70 3.27
C LYS A 8 -4.28 -23.38 2.55
N HIS A 9 -3.21 -22.61 2.33
CA HIS A 9 -3.22 -21.24 1.75
C HIS A 9 -4.11 -21.19 0.52
N GLU A 10 -3.93 -22.06 -0.47
CA GLU A 10 -4.59 -21.89 -1.78
C GLU A 10 -6.12 -22.02 -1.65
N VAL A 11 -6.59 -23.00 -0.89
CA VAL A 11 -8.05 -23.20 -0.59
C VAL A 11 -8.58 -22.01 0.23
N LEU A 12 -7.84 -21.58 1.25
CA LEU A 12 -8.22 -20.41 2.09
C LEU A 12 -8.32 -19.15 1.21
N LEU A 13 -7.48 -19.02 0.19
CA LEU A 13 -7.54 -17.87 -0.77
C LEU A 13 -8.88 -17.89 -1.54
N ARG A 14 -9.30 -19.06 -2.02
CA ARG A 14 -10.59 -19.27 -2.72
C ARG A 14 -11.77 -18.97 -1.78
N MSE A 15 -11.68 -19.38 -0.52
CA MSE A 15 -12.74 -19.13 0.44
C MSE A 15 -12.85 -17.62 0.70
O MSE A 15 -13.98 -17.10 0.78
CB MSE A 15 -12.47 -19.81 1.78
CG MSE A 15 -12.44 -21.36 1.78
SE MSE A 15 -13.99 -22.24 0.94
CE MSE A 15 -13.45 -22.58 -0.89
H MSE A 15 -10.87 -19.91 -0.22
HA MSE A 15 -13.59 -19.45 0.06
HB2 MSE A 15 -13.13 -19.52 2.41
HB3 MSE A 15 -11.63 -19.50 2.12
HG2 MSE A 15 -12.38 -21.67 2.70
HG3 MSE A 15 -11.64 -21.65 1.31
HE1 MSE A 15 -14.13 -23.13 -1.33
HE2 MSE A 15 -12.61 -23.05 -0.90
HE3 MSE A 15 -13.35 -21.74 -1.37
N ARG A 16 -11.70 -16.95 0.97
CA ARG A 16 -11.70 -15.51 1.18
C ARG A 16 -12.29 -14.80 -0.06
N ALA A 17 -11.99 -15.28 -1.27
CA ALA A 17 -12.43 -14.62 -2.52
C ALA A 17 -13.95 -14.69 -2.59
N ILE A 18 -14.51 -15.87 -2.29
CA ILE A 18 -15.98 -16.10 -2.26
C ILE A 18 -16.60 -15.08 -1.32
N GLU A 19 -16.08 -15.00 -0.11
CA GLU A 19 -16.58 -14.12 0.97
C GLU A 19 -16.48 -12.64 0.54
N LEU A 20 -15.35 -12.23 0.01
CA LEU A 20 -15.14 -10.80 -0.37
C LEU A 20 -16.04 -10.42 -1.56
N LEU A 21 -16.21 -11.29 -2.56
CA LEU A 21 -17.15 -11.00 -3.68
C LEU A 21 -18.56 -10.86 -3.15
N ALA A 22 -19.01 -11.80 -2.30
CA ALA A 22 -20.36 -11.76 -1.68
C ALA A 22 -20.54 -10.45 -0.91
N TYR A 23 -19.58 -10.12 -0.07
CA TYR A 23 -19.72 -9.03 0.90
C TYR A 23 -19.63 -7.66 0.23
N TRP A 24 -18.64 -7.48 -0.66
CA TRP A 24 -18.31 -6.17 -1.29
C TRP A 24 -19.12 -5.96 -2.57
N GLU A 25 -19.34 -6.98 -3.39
CA GLU A 25 -20.08 -6.87 -4.69
C GLU A 25 -21.56 -7.29 -4.51
N GLY A 26 -21.89 -8.07 -3.49
CA GLY A 26 -23.27 -8.51 -3.20
C GLY A 26 -23.73 -9.65 -4.10
N ARG A 27 -22.81 -10.26 -4.83
CA ARG A 27 -23.10 -11.28 -5.86
C ARG A 27 -21.83 -12.09 -6.14
N LEU A 28 -21.97 -13.40 -6.27
CA LEU A 28 -20.88 -14.33 -6.59
C LEU A 28 -21.28 -15.11 -7.84
N VAL A 29 -20.62 -14.84 -8.96
CA VAL A 29 -20.83 -15.53 -10.26
C VAL A 29 -19.73 -16.58 -10.41
N THR A 30 -20.13 -17.84 -10.62
CA THR A 30 -19.24 -19.01 -10.71
C THR A 30 -18.12 -18.75 -11.72
N THR A 31 -18.43 -18.10 -12.85
CA THR A 31 -17.43 -17.78 -13.93
C THR A 31 -16.30 -16.89 -13.39
N ARG A 32 -16.57 -16.02 -12.42
CA ARG A 32 -15.54 -15.13 -11.81
C ARG A 32 -14.49 -15.99 -11.08
N LEU A 33 -14.97 -16.92 -10.25
CA LEU A 33 -14.12 -17.91 -9.56
C LEU A 33 -13.29 -18.70 -10.57
N MSE A 34 -13.95 -19.24 -11.61
CA MSE A 34 -13.28 -20.07 -12.58
C MSE A 34 -12.16 -19.33 -13.28
O MSE A 34 -11.12 -19.92 -13.53
CB MSE A 34 -14.25 -20.58 -13.68
CG MSE A 34 -15.28 -21.56 -13.20
SE MSE A 34 -16.73 -21.70 -14.52
CE MSE A 34 -15.77 -22.20 -16.16
H MSE A 34 -14.94 -19.05 -11.71
HA MSE A 34 -12.90 -20.86 -12.12
HB2 MSE A 34 -13.74 -20.99 -14.37
HB3 MSE A 34 -14.69 -19.82 -14.06
HG2 MSE A 34 -15.65 -21.27 -12.34
HG3 MSE A 34 -14.87 -22.44 -13.07
HE1 MSE A 34 -16.41 -22.33 -16.87
HE2 MSE A 34 -15.28 -23.02 -16.01
HE3 MSE A 34 -15.15 -21.49 -16.39
N ASN A 35 -12.38 -18.06 -13.64
CA ASN A 35 -11.36 -17.26 -14.30
C ASN A 35 -10.25 -16.89 -13.31
N TRP A 36 -10.57 -16.55 -12.07
CA TRP A 36 -9.52 -16.09 -11.11
C TRP A 36 -8.54 -17.23 -10.79
N PHE A 37 -9.03 -18.46 -10.61
CA PHE A 37 -8.21 -19.57 -10.09
C PHE A 37 -8.04 -20.67 -11.14
N GLY A 38 -8.62 -20.55 -12.34
CA GLY A 38 -8.44 -21.55 -13.41
C GLY A 38 -9.15 -22.85 -13.09
N LEU A 39 -10.35 -22.76 -12.52
CA LEU A 39 -11.19 -23.90 -12.10
C LEU A 39 -12.13 -24.28 -13.24
N SER A 40 -12.56 -25.55 -13.27
CA SER A 40 -13.77 -26.02 -14.00
C SER A 40 -15.01 -25.53 -13.24
N ARG A 41 -16.15 -25.42 -13.92
CA ARG A 41 -17.46 -25.08 -13.28
C ARG A 41 -17.71 -26.03 -12.09
N GLN A 42 -17.28 -27.30 -12.20
CA GLN A 42 -17.50 -28.34 -11.15
C GLN A 42 -16.65 -27.99 -9.93
N GLN A 43 -15.37 -27.66 -10.12
CA GLN A 43 -14.49 -27.21 -9.01
C GLN A 43 -15.03 -25.89 -8.42
N ALA A 44 -15.37 -24.91 -9.26
CA ALA A 44 -15.95 -23.61 -8.81
C ALA A 44 -17.19 -23.85 -7.91
N SER A 45 -18.16 -24.68 -8.33
CA SER A 45 -19.38 -24.99 -7.54
C SER A 45 -19.04 -25.74 -6.26
N ALA A 46 -18.02 -26.63 -6.30
CA ALA A 46 -17.56 -27.33 -5.08
C ALA A 46 -17.01 -26.32 -4.06
N ASP A 47 -16.26 -25.31 -4.51
CA ASP A 47 -15.68 -24.26 -3.61
C ASP A 47 -16.82 -23.50 -2.92
N ILE A 48 -17.83 -23.10 -3.68
CA ILE A 48 -18.98 -22.33 -3.12
C ILE A 48 -19.68 -23.24 -2.07
N LYS A 49 -19.90 -24.51 -2.41
CA LYS A 49 -20.54 -25.53 -1.53
C LYS A 49 -19.74 -25.61 -0.23
N ARG A 50 -18.41 -25.71 -0.31
CA ARG A 50 -17.52 -25.73 0.88
C ARG A 50 -17.67 -24.46 1.73
N TYR A 51 -17.62 -23.26 1.15
CA TYR A 51 -17.74 -22.02 1.96
C TYR A 51 -19.11 -22.05 2.65
N ASN A 52 -20.13 -22.44 1.90
CA ASN A 52 -21.56 -22.44 2.33
C ASN A 52 -21.85 -23.54 3.36
N THR A 53 -20.93 -24.50 3.55
CA THR A 53 -21.11 -25.70 4.42
C THR A 53 -20.17 -25.60 5.61
N LEU A 54 -18.87 -25.47 5.37
CA LEU A 54 -17.85 -25.58 6.42
C LEU A 54 -17.48 -24.21 7.02
N TYR A 55 -17.68 -23.09 6.31
CA TYR A 55 -17.20 -21.77 6.79
C TYR A 55 -18.34 -20.88 7.26
N ASN A 56 -19.37 -20.67 6.42
CA ASN A 56 -20.46 -19.70 6.68
C ASN A 56 -21.76 -20.42 6.33
N PRO A 57 -22.22 -21.34 7.22
CA PRO A 57 -23.32 -22.25 6.89
C PRO A 57 -24.54 -21.49 6.34
N ASP A 58 -24.96 -21.82 5.12
CA ASP A 58 -26.13 -21.27 4.36
C ASP A 58 -26.08 -19.74 4.28
N ALA A 59 -24.89 -19.14 4.16
CA ALA A 59 -24.73 -17.67 4.07
C ALA A 59 -25.13 -17.20 2.67
N LEU A 60 -24.94 -18.05 1.65
CA LEU A 60 -25.19 -17.80 0.21
C LEU A 60 -26.38 -18.63 -0.30
N ILE A 61 -27.20 -18.05 -1.20
CA ILE A 61 -28.37 -18.69 -1.88
C ILE A 61 -28.23 -18.49 -3.39
N HIS A 62 -28.57 -19.49 -4.21
CA HIS A 62 -28.60 -19.39 -5.70
C HIS A 62 -29.72 -18.42 -6.09
N ASP A 63 -29.70 -17.85 -7.31
CA ASP A 63 -30.73 -16.87 -7.77
C ASP A 63 -30.81 -16.86 -9.30
N VAL A 66 -29.34 -14.28 -11.84
CA VAL A 66 -27.87 -14.10 -11.91
C VAL A 66 -27.24 -15.48 -11.91
N LYS A 67 -26.24 -15.72 -12.77
CA LYS A 67 -25.53 -17.02 -12.94
C LYS A 67 -24.69 -17.33 -11.70
N GLY A 68 -25.27 -17.15 -10.51
CA GLY A 68 -24.58 -17.36 -9.22
C GLY A 68 -25.43 -17.00 -8.01
N TYR A 69 -24.77 -16.56 -6.94
CA TYR A 69 -25.30 -16.62 -5.55
C TYR A 69 -25.24 -15.24 -4.91
N VAL A 70 -26.07 -15.05 -3.89
CA VAL A 70 -26.27 -13.74 -3.20
C VAL A 70 -26.16 -14.00 -1.71
N PRO A 71 -25.61 -13.06 -0.90
CA PRO A 71 -25.62 -13.22 0.55
C PRO A 71 -27.05 -13.17 1.13
N LYS A 72 -27.37 -14.09 2.05
CA LYS A 72 -28.54 -13.97 2.98
C LYS A 72 -28.48 -12.57 3.61
N ALA A 73 -29.63 -12.08 4.06
CA ALA A 73 -29.80 -10.76 4.73
C ALA A 73 -28.98 -10.73 6.03
N SER A 74 -28.85 -11.89 6.69
CA SER A 74 -28.08 -12.06 7.96
C SER A 74 -26.59 -12.29 7.68
N PHE A 75 -26.10 -12.12 6.44
CA PHE A 75 -24.69 -12.43 6.05
C PHE A 75 -23.71 -11.58 6.86
N GLN A 76 -22.83 -12.25 7.63
CA GLN A 76 -21.64 -11.66 8.32
C GLN A 76 -20.37 -12.32 7.75
N PRO A 77 -19.29 -11.55 7.44
CA PRO A 77 -18.02 -12.15 7.07
C PRO A 77 -17.41 -12.96 8.23
N VAL A 78 -16.83 -14.13 7.95
CA VAL A 78 -16.18 -14.99 8.99
C VAL A 78 -14.65 -15.00 8.84
N LEU A 79 -14.12 -14.74 7.65
CA LEU A 79 -12.67 -14.87 7.32
C LEU A 79 -12.01 -13.48 7.23
N THR A 80 -12.76 -12.38 7.13
CA THR A 80 -12.18 -11.04 6.83
C THR A 80 -12.81 -9.99 7.74
N THR A 81 -12.06 -8.91 8.06
CA THR A 81 -12.57 -7.72 8.78
C THR A 81 -13.36 -6.90 7.75
N ALA A 82 -14.28 -6.05 8.19
CA ALA A 82 -15.10 -5.22 7.28
C ALA A 82 -14.31 -4.00 6.75
N HIS A 83 -13.02 -4.13 6.44
CA HIS A 83 -12.16 -3.08 5.83
C HIS A 83 -12.18 -3.26 4.32
N ILE A 84 -12.45 -2.20 3.55
CA ILE A 84 -12.35 -2.23 2.06
C ILE A 84 -10.92 -2.61 1.60
N ASN A 85 -9.89 -2.33 2.39
CA ASN A 85 -8.49 -2.77 2.12
C ASN A 85 -8.47 -4.28 1.79
N GLU A 86 -9.28 -5.11 2.44
CA GLU A 86 -9.24 -6.58 2.19
C GLU A 86 -9.71 -6.88 0.77
N TYR A 87 -10.68 -6.13 0.27
CA TYR A 87 -11.20 -6.33 -1.09
C TYR A 87 -10.10 -5.93 -2.07
N LEU A 88 -9.50 -4.75 -1.87
CA LEU A 88 -8.44 -4.28 -2.78
C LEU A 88 -7.26 -5.26 -2.74
N ASN A 89 -6.87 -5.76 -1.57
CA ASN A 89 -5.74 -6.71 -1.44
C ASN A 89 -6.01 -7.98 -2.25
N MSE A 90 -7.23 -8.51 -2.20
N MSE A 90 -7.24 -8.48 -2.22
CA MSE A 90 -7.55 -9.75 -2.89
CA MSE A 90 -7.56 -9.74 -2.87
C MSE A 90 -7.43 -9.54 -4.39
C MSE A 90 -7.50 -9.57 -4.39
O MSE A 90 -6.80 -10.35 -5.09
O MSE A 90 -6.98 -10.44 -5.11
CB MSE A 90 -8.96 -10.23 -2.51
CB MSE A 90 -8.93 -10.23 -2.39
CG MSE A 90 -9.48 -11.37 -3.37
CG MSE A 90 -9.34 -11.56 -2.95
SE MSE A 90 -8.59 -13.08 -2.97
SE MSE A 90 -10.28 -11.25 -4.63
CE MSE A 90 -7.97 -12.98 -1.11
CE MSE A 90 -11.96 -10.39 -4.11
H MSE A 90 -7.96 -8.04 -1.67
H MSE A 90 -7.98 -7.99 -1.73
HA MSE A 90 -6.90 -10.42 -2.62
HA MSE A 90 -6.88 -10.41 -2.60
HB2 MSE A 90 -9.57 -9.50 -2.57
HB2 MSE A 90 -9.59 -9.59 -2.63
HB3 MSE A 90 -8.95 -10.53 -1.60
HB3 MSE A 90 -8.92 -10.30 -1.43
HG2 MSE A 90 -9.33 -11.15 -4.32
HG2 MSE A 90 -9.94 -12.03 -2.33
HG3 MSE A 90 -10.45 -11.48 -3.23
HG3 MSE A 90 -8.55 -12.12 -3.11
HE1 MSE A 90 -8.02 -13.86 -0.70
HE1 MSE A 90 -12.24 -9.77 -4.81
HE2 MSE A 90 -8.54 -12.36 -0.62
HE2 MSE A 90 -11.83 -9.90 -3.28
HE3 MSE A 90 -7.05 -12.66 -1.09
HE3 MSE A 90 -12.64 -11.07 -3.99
N LEU A 91 -8.02 -8.44 -4.89
CA LEU A 91 -8.01 -8.14 -6.33
C LEU A 91 -6.57 -7.96 -6.79
N SER A 92 -5.76 -7.28 -5.98
CA SER A 92 -4.38 -6.87 -6.38
C SER A 92 -3.47 -8.10 -6.41
N GLY A 93 -3.78 -9.12 -5.60
CA GLY A 93 -3.06 -10.41 -5.58
C GLY A 93 -3.24 -11.19 -6.86
N LEU A 94 -4.33 -10.99 -7.60
CA LEU A 94 -4.68 -11.83 -8.79
C LEU A 94 -4.01 -11.33 -10.08
N VAL A 95 -3.64 -10.05 -10.16
CA VAL A 95 -3.01 -9.41 -11.37
C VAL A 95 -1.57 -8.98 -11.01
N SER A 96 -0.72 -8.65 -12.00
CA SER A 96 0.72 -8.35 -11.78
C SER A 96 0.99 -6.88 -12.10
N GLU A 97 0.62 -5.98 -11.17
CA GLU A 97 0.54 -4.51 -11.43
C GLU A 97 1.25 -3.69 -10.34
N SER A 98 2.27 -4.22 -9.66
CA SER A 98 3.07 -3.48 -8.63
C SER A 98 3.97 -2.41 -9.26
N HIS A 99 4.10 -2.41 -10.59
CA HIS A 99 5.01 -1.52 -11.37
C HIS A 99 4.27 -0.28 -11.87
N ALA A 100 2.93 -0.33 -11.89
CA ALA A 100 2.11 0.70 -12.54
C ALA A 100 1.99 1.91 -11.61
N LEU A 101 1.95 3.11 -12.18
CA LEU A 101 1.53 4.37 -11.49
C LEU A 101 0.10 4.18 -10.99
N ILE A 102 -0.77 3.78 -11.92
CA ILE A 102 -2.22 3.62 -11.66
C ILE A 102 -2.55 2.17 -11.99
N ALA A 103 -2.77 1.34 -10.98
CA ALA A 103 -3.16 -0.09 -11.15
C ALA A 103 -4.63 -0.15 -11.50
N MSE A 104 -5.00 -1.06 -12.41
CA MSE A 104 -6.40 -1.33 -12.63
C MSE A 104 -6.67 -2.82 -12.38
O MSE A 104 -6.81 -3.59 -13.31
CB MSE A 104 -6.83 -0.83 -14.01
CG MSE A 104 -7.10 0.69 -14.01
SE MSE A 104 -8.44 0.93 -15.39
CE MSE A 104 -9.26 -0.79 -15.78
H MSE A 104 -4.30 -1.54 -12.96
HA MSE A 104 -6.91 -0.82 -11.97
HB2 MSE A 104 -7.61 -1.28 -14.28
HB3 MSE A 104 -6.13 -1.01 -14.64
HG2 MSE A 104 -6.29 1.19 -14.24
HG3 MSE A 104 -7.44 0.99 -13.14
HE1 MSE A 104 -10.05 -0.65 -16.32
HE2 MSE A 104 -9.51 -1.23 -14.94
HE3 MSE A 104 -8.62 -1.34 -16.26
N PRO A 105 -6.79 -3.19 -11.08
CA PRO A 105 -6.99 -4.58 -10.68
C PRO A 105 -8.32 -5.18 -11.14
N GLU A 106 -9.33 -4.36 -11.40
CA GLU A 106 -10.55 -4.74 -12.18
C GLU A 106 -10.97 -3.56 -13.04
N PRO A 107 -11.81 -3.77 -14.08
CA PRO A 107 -12.08 -2.72 -15.07
C PRO A 107 -12.64 -1.40 -14.52
N ASN A 108 -13.34 -1.39 -13.38
CA ASN A 108 -13.97 -0.15 -12.86
C ASN A 108 -13.31 0.27 -11.53
N LEU A 109 -12.05 -0.13 -11.29
CA LEU A 109 -11.27 0.28 -10.09
C LEU A 109 -9.86 0.73 -10.50
N ALA A 110 -9.51 1.97 -10.20
CA ALA A 110 -8.15 2.51 -10.40
C ALA A 110 -7.53 2.73 -9.01
N ALA A 111 -6.32 2.23 -8.80
CA ALA A 111 -5.54 2.42 -7.55
C ALA A 111 -4.27 3.22 -7.85
N VAL A 112 -4.09 4.34 -7.16
CA VAL A 112 -2.86 5.16 -7.25
C VAL A 112 -1.77 4.47 -6.41
N GLN A 113 -0.63 4.16 -7.05
CA GLN A 113 0.46 3.36 -6.41
C GLN A 113 1.73 4.21 -6.35
N LEU A 114 2.72 3.78 -5.56
CA LEU A 114 4.09 4.35 -5.57
C LEU A 114 5.06 3.21 -5.86
N PRO A 115 5.38 2.92 -7.15
CA PRO A 115 6.33 1.85 -7.49
C PRO A 115 7.75 2.26 -7.09
N ASP A 116 8.39 1.51 -6.20
CA ASP A 116 9.73 1.89 -5.69
C ASP A 116 10.82 1.38 -6.65
N ARG A 117 11.70 2.29 -7.07
CA ARG A 117 12.74 2.14 -8.11
C ARG A 117 14.14 2.23 -7.49
N SER A 118 14.25 2.25 -6.17
CA SER A 118 15.46 2.74 -5.46
C SER A 118 16.02 1.65 -4.54
N VAL A 119 15.19 0.72 -4.06
CA VAL A 119 15.67 -0.37 -3.16
C VAL A 119 16.22 -1.52 -3.99
N ARG A 120 17.46 -1.90 -3.71
CA ARG A 120 18.23 -2.91 -4.48
C ARG A 120 18.24 -4.21 -3.69
N PRO A 121 18.08 -5.35 -4.39
CA PRO A 121 17.97 -6.63 -3.69
C PRO A 121 19.25 -7.01 -2.92
N GLU A 122 20.44 -6.63 -3.41
CA GLU A 122 21.71 -7.00 -2.72
C GLU A 122 21.72 -6.32 -1.36
N VAL A 123 21.09 -5.15 -1.22
CA VAL A 123 21.05 -4.42 0.09
C VAL A 123 20.06 -5.15 0.98
N ILE A 124 18.85 -5.44 0.48
CA ILE A 124 17.82 -6.20 1.25
C ILE A 124 18.37 -7.55 1.70
N ARG A 125 19.05 -8.29 0.83
CA ARG A 125 19.64 -9.61 1.18
C ARG A 125 20.51 -9.49 2.44
N GLU A 126 21.43 -8.52 2.47
CA GLU A 126 22.43 -8.38 3.56
C GLU A 126 21.76 -7.85 4.82
N VAL A 127 20.95 -6.79 4.69
CA VAL A 127 20.30 -6.14 5.85
C VAL A 127 19.36 -7.14 6.50
N LEU A 128 18.56 -7.86 5.71
CA LEU A 128 17.58 -8.83 6.28
C LEU A 128 18.33 -9.94 7.01
N ARG A 129 19.37 -10.48 6.39
CA ARG A 129 20.11 -11.60 7.01
C ARG A 129 20.69 -11.12 8.35
N ALA A 130 21.25 -9.90 8.37
CA ALA A 130 21.84 -9.23 9.54
C ALA A 130 20.79 -9.01 10.65
N CYS A 131 19.57 -8.61 10.30
CA CYS A 131 18.42 -8.53 11.23
C CYS A 131 18.18 -9.89 11.87
N ARG A 132 18.10 -10.96 11.06
CA ARG A 132 17.78 -12.33 11.53
C ARG A 132 18.92 -12.87 12.41
N ASN A 133 20.16 -12.49 12.11
CA ASN A 133 21.38 -13.06 12.75
C ASN A 133 21.84 -12.16 13.89
N GLN A 134 21.22 -10.99 14.07
CA GLN A 134 21.76 -9.90 14.91
C GLN A 134 23.25 -9.73 14.59
N SER A 135 23.57 -9.39 13.34
CA SER A 135 24.94 -9.17 12.82
C SER A 135 25.20 -7.68 12.82
N THR A 136 26.46 -7.32 12.64
CA THR A 136 26.91 -5.92 12.49
C THR A 136 27.40 -5.78 11.04
N LEU A 137 27.07 -4.67 10.39
CA LEU A 137 27.38 -4.44 8.96
C LEU A 137 28.21 -3.18 8.84
N LYS A 138 29.11 -3.17 7.87
CA LYS A 138 29.81 -1.95 7.41
C LYS A 138 29.20 -1.59 6.07
N MSE A 139 28.85 -0.32 5.86
CA MSE A 139 28.25 0.07 4.60
C MSE A 139 28.58 1.50 4.27
O MSE A 139 29.03 2.27 5.12
CB MSE A 139 26.72 -0.11 4.63
CG MSE A 139 26.06 0.57 5.79
SE MSE A 139 24.15 0.10 5.97
CE MSE A 139 23.52 1.81 6.70
H MSE A 139 29.01 0.39 6.58
HA MSE A 139 28.62 -0.51 3.89
HB2 MSE A 139 26.52 -1.04 4.67
HB3 MSE A 139 26.35 0.24 3.83
HG2 MSE A 139 26.14 1.54 5.68
HG3 MSE A 139 26.53 0.33 6.61
HE1 MSE A 139 22.56 1.82 6.72
HE2 MSE A 139 23.85 2.54 6.14
HE3 MSE A 139 23.88 1.93 7.60
N ILE A 140 28.31 1.84 3.01
CA ILE A 140 28.57 3.17 2.49
C ILE A 140 27.22 3.88 2.45
N TYR A 141 27.13 5.07 3.00
CA TYR A 141 25.87 5.82 3.26
C TYR A 141 26.09 7.30 2.94
N ALA A 142 25.02 7.98 2.54
CA ALA A 142 24.98 9.45 2.39
C ALA A 142 23.65 9.99 2.92
N SER A 143 23.66 11.16 3.55
CA SER A 143 22.46 11.81 4.13
C SER A 143 22.36 13.20 3.54
N MSE A 144 21.22 13.87 3.76
CA MSE A 144 21.09 15.25 3.35
C MSE A 144 22.07 16.13 4.14
O MSE A 144 22.55 17.13 3.61
CB MSE A 144 19.65 15.74 3.48
CG MSE A 144 18.67 15.11 2.49
SE MSE A 144 18.89 15.72 0.62
CE MSE A 144 18.51 14.21 -0.56
H MSE A 144 20.44 13.41 4.22
HA MSE A 144 21.34 15.30 2.39
HB2 MSE A 144 19.63 16.68 3.36
HB3 MSE A 144 19.34 15.55 4.37
HG2 MSE A 144 17.75 15.33 2.78
HG3 MSE A 144 18.77 14.14 2.52
HE1 MSE A 144 18.82 14.41 -1.46
HE2 MSE A 144 17.57 14.05 -0.58
HE3 MSE A 144 18.97 13.42 -0.25
N GLN A 145 22.38 15.74 5.38
CA GLN A 145 23.32 16.48 6.23
C GLN A 145 24.75 16.33 5.71
N ASN A 146 25.20 15.08 5.48
CA ASN A 146 26.53 14.72 4.93
C ASN A 146 26.33 13.94 3.64
N PRO A 147 26.10 14.63 2.49
CA PRO A 147 25.80 13.97 1.23
C PRO A 147 26.98 13.41 0.43
N GLN A 148 28.19 13.34 1.04
CA GLN A 148 29.35 12.59 0.49
C GLN A 148 29.32 11.18 1.06
N TRP A 149 29.61 10.16 0.24
CA TRP A 149 29.65 8.76 0.70
C TRP A 149 30.60 8.66 1.91
N HIS A 150 30.16 7.98 2.95
CA HIS A 150 31.02 7.66 4.12
C HIS A 150 30.57 6.34 4.72
N GLU A 151 31.41 5.80 5.59
CA GLU A 151 31.22 4.47 6.21
C GLU A 151 30.31 4.64 7.43
N ARG A 152 29.45 3.65 7.65
CA ARG A 152 28.58 3.55 8.85
C ARG A 152 28.70 2.10 9.30
N ILE A 153 28.72 1.89 10.61
CA ILE A 153 28.75 0.55 11.22
C ILE A 153 27.43 0.39 11.95
N ILE A 154 26.60 -0.58 11.57
CA ILE A 154 25.21 -0.71 12.07
C ILE A 154 24.88 -2.14 12.51
N SER A 155 24.04 -2.23 13.52
CA SER A 155 23.36 -3.48 13.95
C SER A 155 21.88 -3.27 13.65
N PRO A 156 21.39 -3.73 12.48
CA PRO A 156 19.99 -3.52 12.09
C PRO A 156 19.08 -4.50 12.82
N HIS A 157 17.84 -4.11 13.12
CA HIS A 157 16.87 -5.09 13.69
C HIS A 157 15.56 -5.19 12.88
N THR A 158 15.07 -4.12 12.25
CA THR A 158 13.75 -4.11 11.56
C THR A 158 13.83 -3.30 10.26
N LEU A 159 13.43 -3.91 9.16
CA LEU A 159 13.08 -3.20 7.91
C LEU A 159 11.73 -2.53 8.10
N VAL A 160 11.59 -1.29 7.68
CA VAL A 160 10.32 -0.53 7.82
C VAL A 160 9.93 0.03 6.45
N TYR A 161 8.71 -0.24 6.04
CA TYR A 161 8.08 0.49 4.90
C TYR A 161 7.08 1.50 5.46
N THR A 162 7.24 2.77 5.10
CA THR A 162 6.47 3.88 5.66
C THR A 162 5.22 4.16 4.84
N GLY A 163 5.02 3.47 3.70
CA GLY A 163 4.05 3.89 2.68
C GLY A 163 4.67 4.81 1.62
N PHE A 164 5.87 5.34 1.84
CA PHE A 164 6.58 6.26 0.87
C PHE A 164 8.00 5.78 0.57
N ARG A 165 8.65 5.20 1.56
CA ARG A 165 10.09 4.86 1.50
C ARG A 165 10.36 3.65 2.38
N TRP A 166 11.53 3.05 2.17
CA TRP A 166 12.03 1.92 2.98
C TRP A 166 13.24 2.39 3.79
N HIS A 167 13.26 2.01 5.07
CA HIS A 167 14.42 2.28 5.96
C HIS A 167 14.66 1.05 6.81
N VAL A 168 15.86 0.94 7.37
CA VAL A 168 16.18 -0.06 8.41
C VAL A 168 16.37 0.68 9.74
N ARG A 169 15.74 0.20 10.80
CA ARG A 169 15.99 0.67 12.17
C ARG A 169 17.23 -0.09 12.69
N ALA A 170 18.27 0.64 13.05
CA ALA A 170 19.60 0.03 13.37
C ALA A 170 20.32 0.83 14.46
N TYR A 171 21.17 0.13 15.21
CA TYR A 171 22.16 0.78 16.11
C TYR A 171 23.34 1.28 15.29
N CSD A 172 23.62 2.58 15.42
CA CSD A 172 24.76 3.23 14.81
CB CSD A 172 24.37 4.65 14.47
SG CSD A 172 25.53 5.47 13.37
C CSD A 172 25.92 3.22 15.80
O CSD A 172 25.85 3.89 16.82
OD1 CSD A 172 25.14 6.85 13.53
OD2 CSD A 172 26.92 5.52 14.15
H CSD A 172 22.98 3.15 15.97
HA CSD A 172 25.01 2.75 13.98
HB2 CSD A 172 24.31 5.17 15.30
HB3 CSD A 172 23.48 4.65 14.06
HD2 CSD A 172 27.51 5.92 13.68
N HIS A 173 26.95 2.43 15.51
CA HIS A 173 28.01 2.17 16.47
C HIS A 173 28.87 3.40 16.76
N GLN A 174 29.05 4.30 15.80
CA GLN A 174 29.83 5.55 15.96
C GLN A 174 29.09 6.51 16.91
N SER A 175 27.81 6.82 16.63
CA SER A 175 26.99 7.81 17.40
C SER A 175 26.41 7.15 18.66
N LYS A 176 26.50 5.83 18.79
CA LYS A 176 25.91 5.06 19.94
C LYS A 176 24.43 5.45 20.10
N GLN A 177 23.65 5.33 19.02
CA GLN A 177 22.22 5.72 18.99
C GLN A 177 21.50 4.84 17.95
N PHE A 178 20.26 4.50 18.23
CA PHE A 178 19.40 3.80 17.23
C PHE A 178 18.81 4.87 16.33
N LYS A 179 18.84 4.62 15.04
CA LYS A 179 18.45 5.59 14.00
C LYS A 179 17.82 4.84 12.82
N ASP A 180 17.21 5.60 11.94
CA ASP A 180 16.56 5.12 10.69
C ASP A 180 17.53 5.37 9.52
N PHE A 181 17.95 4.32 8.83
CA PHE A 181 18.82 4.38 7.61
C PHE A 181 18.00 4.08 6.36
N LEU A 182 17.91 5.03 5.45
CA LEU A 182 17.15 4.86 4.17
C LEU A 182 17.87 3.86 3.28
N LEU A 183 17.15 2.87 2.78
CA LEU A 183 17.77 1.74 2.03
C LEU A 183 18.28 2.27 0.67
N SER A 184 17.69 3.33 0.14
CA SER A 184 18.07 3.96 -1.16
C SER A 184 19.41 4.70 -1.02
N ARG A 185 19.85 4.94 0.21
CA ARG A 185 21.07 5.75 0.50
C ARG A 185 22.24 4.86 0.88
N ILE A 186 22.13 3.54 0.73
CA ILE A 186 23.28 2.59 0.86
C ILE A 186 23.90 2.37 -0.52
N ASP A 187 25.20 2.56 -0.67
CA ASP A 187 25.86 2.26 -1.96
C ASP A 187 26.52 0.89 -1.86
N ARG A 188 26.62 0.17 -2.96
CA ARG A 188 27.28 -1.17 -3.05
C ARG A 188 26.59 -2.11 -2.05
N THR A 189 27.30 -3.13 -1.57
CA THR A 189 26.74 -4.19 -0.70
C THR A 189 27.35 -4.09 0.70
N PRO A 190 26.53 -3.98 1.75
CA PRO A 190 27.04 -4.03 3.11
C PRO A 190 27.81 -5.32 3.37
N VAL A 191 28.82 -5.27 4.25
CA VAL A 191 29.67 -6.44 4.59
C VAL A 191 29.54 -6.72 6.08
N VAL A 192 29.35 -7.99 6.45
CA VAL A 192 29.33 -8.47 7.86
C VAL A 192 30.74 -8.23 8.43
N VAL A 193 30.85 -7.64 9.63
CA VAL A 193 32.14 -7.39 10.33
C VAL A 193 32.07 -8.00 11.74
N ALA A 194 33.23 -8.24 12.34
CA ALA A 194 33.45 -9.02 13.58
C ALA A 194 32.87 -8.32 14.81
N ILE A 195 32.66 -7.00 14.77
CA ILE A 195 32.21 -6.18 15.94
C ILE A 195 30.98 -6.85 16.59
N GLU A 196 30.93 -6.86 17.92
CA GLU A 196 29.79 -7.38 18.72
C GLU A 196 28.57 -6.48 18.46
N SER A 197 27.44 -7.08 18.07
CA SER A 197 26.23 -6.32 17.72
C SER A 197 25.64 -5.81 19.04
N VAL A 198 24.74 -4.83 18.97
CA VAL A 198 24.04 -4.27 20.16
C VAL A 198 22.61 -4.81 20.17
N ASP A 199 22.19 -5.26 21.35
CA ASP A 199 20.87 -5.83 21.68
C ASP A 199 19.77 -4.81 21.30
N PRO A 200 18.81 -5.19 20.42
CA PRO A 200 17.71 -4.31 20.04
C PRO A 200 16.76 -3.99 21.21
N ALA A 201 16.78 -4.81 22.27
CA ALA A 201 16.04 -4.56 23.52
C ALA A 201 16.46 -3.21 24.11
N GLN A 202 17.62 -2.66 23.74
CA GLN A 202 18.02 -1.28 24.18
C GLN A 202 17.42 -0.16 23.31
N ASP A 203 16.67 -0.44 22.24
CA ASP A 203 16.04 0.62 21.40
C ASP A 203 14.77 1.16 22.11
N GLN A 204 14.92 2.07 23.07
CA GLN A 204 13.81 2.58 23.91
C GLN A 204 12.70 3.21 23.06
N GLN A 205 13.08 3.99 22.04
CA GLN A 205 12.14 4.70 21.12
C GLN A 205 11.33 3.67 20.32
N TRP A 206 11.93 2.51 20.00
CA TRP A 206 11.25 1.45 19.25
C TRP A 206 10.25 0.77 20.18
N HIS A 207 10.61 0.59 21.45
CA HIS A 207 9.81 -0.24 22.40
C HIS A 207 8.73 0.60 23.11
N GLU A 208 8.95 1.89 23.30
CA GLU A 208 8.00 2.81 23.99
C GLU A 208 6.81 3.04 23.04
N GLU A 209 5.63 2.62 23.47
CA GLU A 209 4.34 2.92 22.78
C GLU A 209 3.86 4.30 23.28
N ILE A 210 3.20 5.05 22.42
CA ILE A 210 2.55 6.33 22.81
C ILE A 210 1.19 6.35 22.11
N VAL A 211 0.33 7.29 22.52
CA VAL A 211 -1.04 7.45 21.96
C VAL A 211 -1.13 8.88 21.45
N LEU A 212 -1.29 9.02 20.13
CA LEU A 212 -1.48 10.34 19.49
C LEU A 212 -2.96 10.58 19.35
N THR A 213 -3.37 11.82 19.52
CA THR A 213 -4.79 12.26 19.37
C THR A 213 -4.88 13.19 18.18
N LEU A 214 -5.62 12.75 17.16
CA LEU A 214 -5.91 13.48 15.91
C LEU A 214 -7.34 14.03 16.02
N ILE A 215 -7.52 15.31 15.68
CA ILE A 215 -8.81 16.05 15.79
C ILE A 215 -9.05 16.77 14.46
N PRO A 216 -10.31 17.13 14.15
CA PRO A 216 -10.59 18.00 13.00
C PRO A 216 -9.87 19.34 13.19
N ASN A 217 -9.38 19.90 12.09
CA ASN A 217 -8.69 21.20 12.11
C ASN A 217 -9.62 22.24 12.72
N PRO A 218 -9.27 22.85 13.88
CA PRO A 218 -10.15 23.82 14.55
C PRO A 218 -10.53 25.07 13.73
N LYS A 219 -9.87 25.34 12.62
CA LYS A 219 -10.25 26.43 11.67
C LYS A 219 -11.54 26.07 10.91
N LEU A 220 -11.88 24.79 10.73
CA LEU A 220 -13.12 24.38 10.01
C LEU A 220 -14.35 24.74 10.86
N ASN A 221 -15.46 25.11 10.23
CA ASN A 221 -16.71 25.37 11.00
C ASN A 221 -17.23 24.02 11.49
N SER A 222 -18.21 24.05 12.39
CA SER A 222 -18.82 22.89 13.09
C SER A 222 -19.31 21.82 12.08
N SER A 223 -19.93 22.28 10.98
CA SER A 223 -20.55 21.39 9.96
C SER A 223 -19.46 20.63 9.21
N GLN A 224 -18.43 21.36 8.78
CA GLN A 224 -17.18 20.83 8.20
C GLN A 224 -16.47 19.83 9.11
N GLN A 225 -16.31 20.14 10.42
CA GLN A 225 -15.68 19.23 11.41
C GLN A 225 -16.48 17.93 11.49
N ALA A 226 -17.81 17.95 11.41
CA ALA A 226 -18.63 16.71 11.49
C ALA A 226 -18.29 15.76 10.30
N LEU A 227 -17.98 16.29 9.13
CA LEU A 227 -17.64 15.43 7.96
C LEU A 227 -16.26 14.82 8.15
N VAL A 228 -15.33 15.58 8.71
CA VAL A 228 -13.97 15.01 9.03
C VAL A 228 -14.18 13.83 9.99
N GLU A 229 -15.03 13.97 11.01
CA GLU A 229 -15.33 12.88 11.97
C GLU A 229 -15.88 11.66 11.20
N LYS A 230 -16.77 11.90 10.23
CA LYS A 230 -17.36 10.82 9.39
C LYS A 230 -16.25 10.17 8.54
N ASP A 231 -15.35 10.96 7.93
CA ASP A 231 -14.25 10.46 7.08
C ASP A 231 -13.31 9.50 7.82
N PHE A 232 -13.07 9.71 9.12
CA PHE A 232 -12.01 9.01 9.88
C PHE A 232 -12.66 8.08 10.91
N GLY A 233 -13.98 7.90 10.78
CA GLY A 233 -14.82 7.08 11.67
C GLY A 233 -14.50 7.35 13.12
N MSE A 234 -14.57 8.63 13.50
CA MSE A 234 -14.22 9.06 14.85
C MSE A 234 -15.34 9.95 15.41
O MSE A 234 -15.16 11.16 15.54
CB MSE A 234 -12.88 9.78 14.85
CG MSE A 234 -12.76 10.89 13.80
SE MSE A 234 -11.43 12.29 14.20
CE MSE A 234 -11.42 13.72 12.93
H MSE A 234 -14.89 9.32 12.85
HA MSE A 234 -14.15 8.26 15.43
HB2 MSE A 234 -12.18 9.15 14.69
HB3 MSE A 234 -12.72 10.17 15.71
HG2 MSE A 234 -13.63 11.32 13.70
HG3 MSE A 234 -12.52 10.48 12.95
HE1 MSE A 234 -10.89 14.45 13.27
HE2 MSE A 234 -12.33 14.01 12.77
HE3 MSE A 234 -11.04 13.40 12.09
N PRO A 235 -16.51 9.39 15.77
CA PRO A 235 -17.64 10.18 16.28
C PRO A 235 -17.49 10.89 17.64
N ASP A 236 -16.44 10.66 18.43
CA ASP A 236 -16.22 11.51 19.65
C ASP A 236 -15.42 12.77 19.29
N GLY A 237 -14.99 12.93 18.05
CA GLY A 237 -14.18 14.09 17.62
C GLY A 237 -12.68 13.89 17.80
N ARG A 238 -12.25 12.71 18.25
CA ARG A 238 -10.82 12.35 18.49
C ARG A 238 -10.55 11.00 17.85
N LEU A 239 -9.45 10.91 17.09
CA LEU A 239 -8.92 9.62 16.63
C LEU A 239 -7.65 9.34 17.45
N GLN A 240 -7.68 8.25 18.20
CA GLN A 240 -6.60 7.82 19.14
C GLN A 240 -5.78 6.75 18.46
N ILE A 241 -4.49 7.06 18.19
CA ILE A 241 -3.51 6.22 17.46
C ILE A 241 -2.48 5.73 18.45
N PRO A 242 -2.53 4.46 18.92
CA PRO A 242 -1.42 3.92 19.69
C PRO A 242 -0.35 3.43 18.68
N VAL A 243 0.90 3.80 18.91
CA VAL A 243 2.02 3.54 17.97
C VAL A 243 3.34 3.60 18.75
N LYS A 244 4.34 2.84 18.34
CA LYS A 244 5.75 3.01 18.80
C LYS A 244 6.22 4.42 18.49
N LYS A 245 6.93 5.03 19.44
CA LYS A 245 7.52 6.38 19.32
C LYS A 245 8.32 6.49 18.01
N ALA A 246 9.15 5.51 17.70
CA ALA A 246 10.06 5.51 16.53
C ALA A 246 9.26 5.40 15.20
N LEU A 247 7.95 5.10 15.23
CA LEU A 247 7.09 5.01 14.01
C LEU A 247 6.05 6.12 13.99
N ALA A 248 5.99 6.97 15.02
CA ALA A 248 4.92 7.99 15.18
C ALA A 248 4.92 8.97 14.01
N HIS A 249 6.06 9.56 13.63
CA HIS A 249 6.17 10.51 12.49
C HIS A 249 5.68 9.89 11.18
N TYR A 250 6.00 8.62 10.94
CA TYR A 250 5.62 7.92 9.68
C TYR A 250 4.10 7.70 9.67
N THR A 251 3.51 7.40 10.82
CA THR A 251 2.04 7.21 10.95
C THR A 251 1.35 8.55 10.62
N LEU A 252 1.82 9.65 11.20
CA LEU A 252 1.19 10.99 11.02
C LEU A 252 1.25 11.37 9.53
N GLN A 253 2.37 11.11 8.88
CA GLN A 253 2.59 11.36 7.44
C GLN A 253 1.71 10.45 6.59
N ARG A 254 1.50 9.19 6.99
CA ARG A 254 0.68 8.22 6.24
C ARG A 254 -0.79 8.69 6.26
N TYR A 255 -1.20 9.39 7.34
CA TYR A 255 -2.55 9.97 7.53
C TYR A 255 -2.62 11.41 7.01
N GLN A 256 -1.52 12.00 6.52
CA GLN A 256 -1.46 13.39 5.94
C GLN A 256 -1.91 14.41 7.01
N THR A 257 -1.46 14.21 8.26
CA THR A 257 -1.84 15.01 9.45
C THR A 257 -0.98 16.27 9.55
N ALA A 258 -1.56 17.42 9.91
CA ALA A 258 -0.80 18.64 10.25
C ALA A 258 -0.13 18.44 11.60
N ILE A 259 1.20 18.65 11.69
CA ILE A 259 1.93 18.69 12.99
C ILE A 259 2.45 20.10 13.32
N THR A 260 2.50 21.04 12.37
CA THR A 260 2.97 22.44 12.67
C THR A 260 1.82 23.43 12.50
N LEU A 261 1.94 24.55 13.22
CA LEU A 261 1.07 25.75 13.12
C LEU A 261 0.85 26.13 11.64
N ALA A 262 1.93 26.25 10.86
CA ALA A 262 1.91 26.73 9.46
C ALA A 262 1.05 25.78 8.61
N GLU A 263 1.33 24.47 8.73
CA GLU A 263 0.52 23.34 8.19
C GLU A 263 -0.94 23.52 8.61
N ALA A 264 -1.23 23.49 9.93
CA ALA A 264 -2.59 23.57 10.49
C ALA A 264 -3.34 24.79 9.96
N GLU A 265 -2.65 25.93 9.80
CA GLU A 265 -3.27 27.19 9.29
C GLU A 265 -4.00 26.91 7.96
N ASP A 266 -3.63 25.88 7.20
CA ASP A 266 -4.28 25.55 5.90
C ASP A 266 -5.35 24.44 6.09
N ALA A 267 -6.57 24.82 6.46
CA ALA A 267 -7.67 23.94 6.95
C ALA A 267 -8.06 22.90 5.88
N LEU A 268 -8.18 23.30 4.62
CA LEU A 268 -8.76 22.41 3.59
C LEU A 268 -7.68 21.46 3.07
N LYS A 269 -6.39 21.81 3.14
CA LYS A 269 -5.27 20.86 2.87
C LYS A 269 -5.09 19.90 4.04
N TYR A 270 -5.23 20.37 5.28
CA TYR A 270 -5.00 19.59 6.53
C TYR A 270 -6.27 19.59 7.39
N PRO A 271 -7.33 18.84 6.98
CA PRO A 271 -8.54 18.76 7.79
C PRO A 271 -8.29 17.99 9.10
N LEU A 272 -7.24 17.19 9.14
CA LEU A 272 -6.86 16.40 10.33
C LEU A 272 -5.57 16.98 10.92
N VAL A 273 -5.59 17.29 12.21
CA VAL A 273 -4.42 17.87 12.94
C VAL A 273 -4.09 17.05 14.19
N LEU A 274 -2.81 17.02 14.58
CA LEU A 274 -2.37 16.46 15.88
C LEU A 274 -2.79 17.45 16.97
N GLN A 275 -3.38 16.94 18.06
CA GLN A 275 -3.75 17.71 19.28
C GLN A 275 -2.51 18.48 19.74
N ARG A 276 -2.62 19.79 20.02
CA ARG A 276 -1.45 20.66 20.33
C ARG A 276 -0.63 20.09 21.50
N SER A 277 -1.27 19.43 22.46
CA SER A 277 -0.63 18.96 23.71
C SER A 277 0.17 17.67 23.45
N ASP A 278 0.09 17.10 22.25
CA ASP A 278 0.76 15.81 21.93
C ASP A 278 2.08 16.06 21.19
N ILE A 279 2.24 17.24 20.62
CA ILE A 279 3.50 17.70 19.95
C ILE A 279 4.71 17.40 20.83
N GLU A 280 4.58 17.57 22.16
CA GLU A 280 5.67 17.42 23.17
C GLU A 280 6.13 15.96 23.24
N LYS A 281 5.27 14.99 22.93
CA LYS A 281 5.55 13.53 23.06
C LYS A 281 6.35 13.03 21.82
N LEU A 282 6.47 13.85 20.79
CA LEU A 282 7.09 13.47 19.48
C LEU A 282 8.61 13.67 19.57
N SER A 283 9.37 12.70 19.05
CA SER A 283 10.82 12.84 18.79
C SER A 283 11.07 13.91 17.73
N SER A 284 12.33 14.36 17.60
N SER A 284 12.35 14.26 17.57
CA SER A 284 12.79 15.28 16.52
CA SER A 284 12.91 15.17 16.55
C SER A 284 13.05 14.45 15.26
C SER A 284 13.08 14.40 15.22
N TYR A 285 12.16 14.54 14.27
CA TYR A 285 12.16 13.71 13.03
C TYR A 285 13.59 13.64 12.47
N LEU A 286 14.17 14.79 12.10
CA LEU A 286 15.49 14.85 11.42
C LEU A 286 16.63 14.72 12.45
N PHE A 287 16.38 14.21 13.67
CA PHE A 287 17.43 13.68 14.59
C PHE A 287 17.33 12.15 14.70
N ASP A 288 16.21 11.55 14.26
CA ASP A 288 16.00 10.08 14.22
C ASP A 288 16.65 9.54 12.94
N GLN A 289 16.89 10.40 11.96
CA GLN A 289 17.51 10.05 10.64
C GLN A 289 19.03 9.98 10.81
N ALA A 290 19.67 8.93 10.31
CA ALA A 290 21.14 8.76 10.29
C ALA A 290 21.77 9.87 9.43
N SER A 291 23.03 10.22 9.72
CA SER A 291 23.84 11.27 9.03
C SER A 291 24.59 10.63 7.86
N ASP B 7 0.10 -23.16 -16.72
CA ASP B 7 0.03 -23.22 -15.22
C ASP B 7 -0.98 -22.17 -14.74
N LYS B 8 -1.86 -22.56 -13.82
CA LYS B 8 -2.98 -21.71 -13.31
C LYS B 8 -2.55 -21.03 -12.02
N HIS B 9 -3.47 -20.29 -11.40
CA HIS B 9 -3.18 -19.37 -10.29
C HIS B 9 -2.32 -20.08 -9.23
N GLU B 10 -2.77 -21.22 -8.71
CA GLU B 10 -2.15 -21.94 -7.57
C GLU B 10 -0.66 -22.15 -7.84
N VAL B 11 -0.35 -22.76 -8.96
CA VAL B 11 1.03 -23.14 -9.31
C VAL B 11 1.84 -21.84 -9.49
N LEU B 12 1.29 -20.88 -10.24
CA LEU B 12 2.01 -19.62 -10.57
C LEU B 12 2.35 -18.87 -9.28
N LEU B 13 1.45 -18.90 -8.29
CA LEU B 13 1.70 -18.15 -7.06
C LEU B 13 2.91 -18.79 -6.37
N ARG B 14 3.09 -20.10 -6.52
CA ARG B 14 4.26 -20.77 -5.90
C ARG B 14 5.50 -20.44 -6.71
N MSE B 15 5.37 -20.35 -8.06
CA MSE B 15 6.51 -19.96 -8.89
C MSE B 15 6.94 -18.54 -8.50
O MSE B 15 8.13 -18.24 -8.37
CB MSE B 15 6.19 -20.02 -10.40
CG MSE B 15 5.74 -21.36 -10.95
SE MSE B 15 7.12 -22.78 -10.71
CE MSE B 15 6.46 -23.70 -9.12
H MSE B 15 4.49 -20.57 -8.50
HA MSE B 15 7.25 -20.58 -8.70
HB2 MSE B 15 6.96 -19.74 -10.87
HB3 MSE B 15 5.49 -19.39 -10.58
HG2 MSE B 15 5.54 -21.27 -11.90
HG3 MSE B 15 4.92 -21.64 -10.50
HE1 MSE B 15 7.00 -24.49 -8.95
HE2 MSE B 15 5.54 -23.96 -9.25
HE3 MSE B 15 6.51 -23.10 -8.35
N ARG B 16 5.97 -17.67 -8.29
CA ARG B 16 6.25 -16.30 -7.92
C ARG B 16 6.94 -16.24 -6.55
N ALA B 17 6.54 -17.04 -5.58
CA ALA B 17 7.15 -17.05 -4.25
C ALA B 17 8.61 -17.53 -4.33
N ILE B 18 8.90 -18.54 -5.15
CA ILE B 18 10.29 -19.05 -5.35
C ILE B 18 11.16 -17.89 -5.85
N GLU B 19 10.68 -17.18 -6.88
CA GLU B 19 11.42 -16.07 -7.52
C GLU B 19 11.67 -14.97 -6.51
N LEU B 20 10.65 -14.61 -5.73
CA LEU B 20 10.78 -13.50 -4.76
C LEU B 20 11.71 -13.86 -3.60
N LEU B 21 11.60 -15.04 -3.02
CA LEU B 21 12.49 -15.47 -1.91
C LEU B 21 13.95 -15.45 -2.37
N ALA B 22 14.23 -16.04 -3.54
CA ALA B 22 15.58 -16.11 -4.14
C ALA B 22 16.09 -14.69 -4.40
N TYR B 23 15.27 -13.83 -5.01
CA TYR B 23 15.76 -12.51 -5.50
C TYR B 23 15.96 -11.59 -4.31
N TRP B 24 14.97 -11.49 -3.40
CA TRP B 24 14.99 -10.48 -2.30
C TRP B 24 15.70 -11.00 -1.05
N GLU B 25 15.56 -12.28 -0.74
CA GLU B 25 16.25 -12.83 0.47
C GLU B 25 17.63 -13.42 0.12
N GLY B 26 17.84 -13.89 -1.11
CA GLY B 26 19.15 -14.43 -1.57
C GLY B 26 19.32 -15.89 -1.24
N ARG B 27 18.29 -16.54 -0.67
CA ARG B 27 18.32 -17.94 -0.17
C ARG B 27 16.88 -18.47 -0.20
N LEU B 28 16.68 -19.63 -0.79
CA LEU B 28 15.40 -20.34 -0.85
C LEU B 28 15.61 -21.71 -0.20
N VAL B 29 14.87 -22.00 0.87
CA VAL B 29 14.82 -23.37 1.49
C VAL B 29 13.41 -23.92 1.33
N THR B 30 13.29 -25.21 1.12
CA THR B 30 12.00 -25.89 0.85
C THR B 30 11.06 -25.63 2.04
N THR B 31 11.61 -25.56 3.26
CA THR B 31 10.78 -25.53 4.49
C THR B 31 9.96 -24.23 4.49
N ARG B 32 10.47 -23.16 3.90
CA ARG B 32 9.71 -21.88 3.82
C ARG B 32 8.47 -22.09 2.95
N LEU B 33 8.64 -22.78 1.82
CA LEU B 33 7.55 -23.06 0.84
C LEU B 33 6.50 -23.97 1.48
N MSE B 34 6.99 -25.01 2.17
CA MSE B 34 6.17 -25.91 2.95
C MSE B 34 5.32 -25.14 3.96
O MSE B 34 4.14 -25.40 4.07
CB MSE B 34 7.03 -26.94 3.70
CG MSE B 34 7.67 -27.97 2.80
SE MSE B 34 9.07 -29.01 3.74
CE MSE B 34 7.93 -30.10 4.92
H MSE B 34 7.99 -25.17 2.15
HA MSE B 34 5.57 -26.38 2.34
HB2 MSE B 34 6.49 -27.39 4.35
HB3 MSE B 34 7.73 -26.47 4.17
HG2 MSE B 34 8.07 -27.52 2.02
HG3 MSE B 34 6.98 -28.58 2.47
HE1 MSE B 34 8.50 -30.69 5.46
HE2 MSE B 34 7.33 -30.64 4.39
HE3 MSE B 34 7.42 -29.53 5.51
N ASN B 35 5.93 -24.26 4.75
CA ASN B 35 5.17 -23.53 5.74
C ASN B 35 4.17 -22.54 5.06
N TRP B 36 4.58 -21.83 4.02
CA TRP B 36 3.69 -20.88 3.28
C TRP B 36 2.48 -21.62 2.68
N PHE B 37 2.67 -22.69 1.91
CA PHE B 37 1.61 -23.32 1.07
C PHE B 37 1.07 -24.65 1.65
N GLY B 38 1.66 -25.20 2.73
CA GLY B 38 1.33 -26.54 3.27
C GLY B 38 1.61 -27.66 2.29
N LEU B 39 2.70 -27.58 1.54
CA LEU B 39 3.16 -28.61 0.59
C LEU B 39 3.94 -29.65 1.38
N SER B 40 4.07 -30.84 0.82
CA SER B 40 5.10 -31.82 1.24
C SER B 40 6.49 -31.30 0.82
N ARG B 41 7.55 -31.83 1.41
CA ARG B 41 8.95 -31.50 1.04
C ARG B 41 9.17 -31.89 -0.44
N GLN B 42 8.55 -32.98 -0.89
CA GLN B 42 8.64 -33.53 -2.27
C GLN B 42 8.07 -32.50 -3.26
N GLN B 43 6.90 -31.98 -2.97
CA GLN B 43 6.20 -31.04 -3.87
C GLN B 43 7.00 -29.73 -3.88
N ALA B 44 7.47 -29.31 -2.71
CA ALA B 44 8.24 -28.04 -2.62
C ALA B 44 9.48 -28.17 -3.49
N SER B 45 10.23 -29.28 -3.36
CA SER B 45 11.47 -29.52 -4.14
C SER B 45 11.15 -29.51 -5.64
N ALA B 46 10.09 -30.21 -6.05
CA ALA B 46 9.58 -30.29 -7.44
C ALA B 46 9.21 -28.89 -7.97
N ASP B 47 8.61 -28.01 -7.14
CA ASP B 47 8.29 -26.62 -7.54
C ASP B 47 9.55 -25.83 -7.87
N ILE B 48 10.58 -25.92 -7.02
CA ILE B 48 11.92 -25.29 -7.27
C ILE B 48 12.50 -25.82 -8.59
N LYS B 49 12.35 -27.12 -8.89
CA LYS B 49 12.83 -27.76 -10.15
C LYS B 49 12.07 -27.14 -11.32
N ARG B 50 10.73 -27.05 -11.24
CA ARG B 50 9.89 -26.49 -12.34
C ARG B 50 10.32 -25.03 -12.60
N TYR B 51 10.56 -24.26 -11.55
CA TYR B 51 11.01 -22.87 -11.72
C TYR B 51 12.36 -22.85 -12.44
N ASN B 52 13.31 -23.70 -12.02
CA ASN B 52 14.69 -23.71 -12.52
C ASN B 52 14.75 -24.44 -13.88
N THR B 53 13.65 -25.02 -14.35
CA THR B 53 13.63 -25.77 -15.64
C THR B 53 12.76 -25.03 -16.67
N LEU B 54 11.53 -24.65 -16.32
CA LEU B 54 10.51 -24.11 -17.28
C LEU B 54 10.49 -22.58 -17.29
N TYR B 55 10.76 -21.91 -16.16
CA TYR B 55 10.48 -20.45 -16.00
C TYR B 55 11.75 -19.64 -16.10
N ASN B 56 12.76 -19.98 -15.32
CA ASN B 56 14.04 -19.21 -15.20
C ASN B 56 15.19 -20.20 -15.27
N PRO B 57 15.45 -20.79 -16.47
CA PRO B 57 16.34 -21.95 -16.61
C PRO B 57 17.71 -21.74 -15.98
N ASP B 58 18.08 -22.61 -15.04
CA ASP B 58 19.39 -22.61 -14.34
C ASP B 58 19.70 -21.23 -13.72
N ALA B 59 18.70 -20.48 -13.25
CA ALA B 59 18.93 -19.19 -12.56
C ALA B 59 19.27 -19.45 -11.09
N LEU B 60 18.90 -20.63 -10.58
CA LEU B 60 19.12 -21.01 -9.16
C LEU B 60 20.25 -22.05 -9.09
N ILE B 61 21.09 -21.95 -8.05
CA ILE B 61 22.25 -22.85 -7.81
C ILE B 61 22.11 -23.37 -6.38
N HIS B 62 22.06 -24.68 -6.17
CA HIS B 62 22.12 -25.29 -4.82
C HIS B 62 23.44 -24.88 -4.16
N ASP B 63 23.39 -24.30 -2.95
CA ASP B 63 24.58 -24.04 -2.12
C ASP B 63 24.53 -24.95 -0.89
N PRO B 64 25.27 -26.09 -0.90
CA PRO B 64 25.12 -27.11 0.14
C PRO B 64 25.53 -26.59 1.52
N SER B 65 26.47 -25.64 1.56
CA SER B 65 26.87 -24.89 2.79
C SER B 65 25.61 -24.30 3.43
N VAL B 66 24.93 -23.39 2.71
CA VAL B 66 23.76 -22.60 3.21
C VAL B 66 22.51 -23.51 3.16
N LYS B 67 22.70 -24.80 2.88
CA LYS B 67 21.64 -25.85 2.81
C LYS B 67 20.41 -25.29 2.07
N GLY B 68 20.64 -24.50 1.02
CA GLY B 68 19.56 -23.86 0.23
C GLY B 68 19.99 -23.49 -1.19
N TYR B 69 19.07 -22.90 -1.93
CA TYR B 69 19.32 -22.39 -3.30
C TYR B 69 19.61 -20.89 -3.22
N VAL B 70 20.54 -20.43 -4.04
CA VAL B 70 20.90 -18.98 -4.12
C VAL B 70 20.69 -18.59 -5.59
N PRO B 71 20.44 -17.30 -5.88
CA PRO B 71 20.43 -16.83 -7.26
C PRO B 71 21.87 -16.72 -7.82
N LYS B 72 22.12 -17.18 -9.05
CA LYS B 72 23.42 -16.90 -9.76
C LYS B 72 23.56 -15.38 -9.92
N ALA B 73 24.75 -14.89 -10.23
CA ALA B 73 24.98 -13.42 -10.38
C ALA B 73 24.23 -12.95 -11.64
N SER B 74 24.00 -13.82 -12.62
CA SER B 74 23.27 -13.50 -13.86
C SER B 74 21.78 -13.28 -13.56
N PHE B 75 21.28 -13.72 -12.39
CA PHE B 75 19.84 -13.87 -12.07
C PHE B 75 19.07 -12.58 -12.35
N GLN B 76 18.00 -12.70 -13.13
CA GLN B 76 17.01 -11.63 -13.37
C GLN B 76 15.63 -12.21 -13.14
N PRO B 77 14.68 -11.48 -12.52
CA PRO B 77 13.31 -11.97 -12.38
C PRO B 77 12.65 -12.17 -13.75
N VAL B 78 11.76 -13.16 -13.89
CA VAL B 78 11.00 -13.42 -15.15
C VAL B 78 9.50 -13.35 -14.88
N LEU B 79 9.03 -13.42 -13.62
CA LEU B 79 7.59 -13.42 -13.29
C LEU B 79 7.20 -12.12 -12.61
N THR B 80 8.15 -11.43 -12.00
CA THR B 80 7.88 -10.21 -11.21
C THR B 80 8.68 -9.08 -11.85
N THR B 81 8.29 -7.83 -11.61
CA THR B 81 9.17 -6.68 -11.89
C THR B 81 10.20 -6.67 -10.76
N ALA B 82 11.24 -5.87 -10.85
CA ALA B 82 12.26 -5.81 -9.78
C ALA B 82 11.88 -4.74 -8.77
N HIS B 83 10.59 -4.43 -8.57
CA HIS B 83 10.16 -3.49 -7.51
C HIS B 83 10.07 -4.25 -6.17
N ILE B 84 10.59 -3.69 -5.09
CA ILE B 84 10.43 -4.30 -3.73
C ILE B 84 8.93 -4.37 -3.36
N ASN B 85 8.07 -3.54 -3.93
CA ASN B 85 6.61 -3.67 -3.73
C ASN B 85 6.14 -5.12 -3.93
N GLU B 86 6.70 -5.85 -4.90
CA GLU B 86 6.35 -7.27 -5.20
C GLU B 86 6.58 -8.17 -3.98
N TYR B 87 7.67 -7.93 -3.25
CA TYR B 87 8.07 -8.77 -2.10
C TYR B 87 7.09 -8.48 -0.96
N LEU B 88 6.86 -7.19 -0.68
CA LEU B 88 5.90 -6.82 0.38
C LEU B 88 4.51 -7.41 0.05
N ASN B 89 4.08 -7.33 -1.20
CA ASN B 89 2.73 -7.82 -1.62
C ASN B 89 2.63 -9.33 -1.40
N MSE B 90 3.72 -10.08 -1.67
CA MSE B 90 3.72 -11.53 -1.43
C MSE B 90 3.52 -11.81 0.06
O MSE B 90 2.70 -12.65 0.43
CB MSE B 90 5.02 -12.19 -1.93
CG MSE B 90 5.18 -13.68 -1.57
SE MSE B 90 3.92 -14.78 -2.66
CE MSE B 90 4.14 -14.48 -4.57
H MSE B 90 4.55 -9.65 -2.05
HA MSE B 90 2.96 -11.92 -1.93
HB2 MSE B 90 5.76 -11.72 -1.57
HB3 MSE B 90 5.05 -12.11 -2.88
HG2 MSE B 90 4.99 -13.82 -0.62
HG3 MSE B 90 6.10 -13.97 -1.75
HE1 MSE B 90 3.60 -15.11 -5.06
HE2 MSE B 90 5.07 -14.60 -4.81
HE3 MSE B 90 3.86 -13.57 -4.79
N LEU B 91 4.34 -11.16 0.91
CA LEU B 91 4.34 -11.47 2.33
C LEU B 91 2.99 -11.11 2.96
N SER B 92 2.39 -9.99 2.53
CA SER B 92 1.13 -9.42 3.06
C SER B 92 -0.04 -10.35 2.73
N GLY B 93 -0.04 -10.98 1.54
CA GLY B 93 -1.08 -11.93 1.10
C GLY B 93 -1.09 -13.23 1.92
N LEU B 94 0.02 -13.58 2.56
CA LEU B 94 0.15 -14.79 3.43
C LEU B 94 -0.42 -14.51 4.83
N VAL B 95 -0.36 -13.25 5.25
CA VAL B 95 -0.90 -12.75 6.54
C VAL B 95 -1.73 -11.48 6.25
N SER B 96 -3.06 -11.55 6.32
CA SER B 96 -3.93 -10.35 6.24
C SER B 96 -3.90 -9.64 7.61
N GLU B 97 -3.43 -8.40 7.64
CA GLU B 97 -3.54 -7.52 8.81
C GLU B 97 -3.88 -6.13 8.31
N SER B 98 -4.79 -6.00 7.36
CA SER B 98 -5.29 -4.70 6.85
C SER B 98 -5.98 -3.87 7.95
N HIS B 99 -6.38 -4.46 9.09
CA HIS B 99 -6.94 -3.75 10.26
C HIS B 99 -5.84 -3.02 11.06
N ALA B 100 -4.56 -3.40 10.91
CA ALA B 100 -3.45 -2.94 11.78
C ALA B 100 -2.90 -1.58 11.33
N LEU B 101 -2.57 -0.70 12.28
CA LEU B 101 -1.78 0.53 12.03
C LEU B 101 -0.40 0.12 11.49
N ILE B 102 0.22 -0.87 12.13
CA ILE B 102 1.56 -1.39 11.75
C ILE B 102 1.40 -2.87 11.50
N ALA B 103 1.49 -3.31 10.25
CA ALA B 103 1.53 -4.74 9.87
C ALA B 103 2.94 -5.28 10.14
N MSE B 104 2.99 -6.55 10.53
CA MSE B 104 4.23 -7.27 10.75
C MSE B 104 4.10 -8.58 9.98
O MSE B 104 3.88 -9.61 10.61
CB MSE B 104 4.45 -7.58 12.24
CG MSE B 104 4.53 -6.37 13.13
SE MSE B 104 6.37 -5.68 13.08
CE MSE B 104 7.68 -7.17 13.07
H MSE B 104 2.12 -7.04 10.70
HA MSE B 104 4.98 -6.76 10.40
HB2 MSE B 104 5.25 -8.08 12.33
HB3 MSE B 104 3.73 -8.13 12.55
HG2 MSE B 104 4.29 -6.61 14.05
HG3 MSE B 104 3.91 -5.68 12.83
HE1 MSE B 104 8.57 -6.80 13.12
HE2 MSE B 104 7.58 -7.67 12.25
HE3 MSE B 104 7.51 -7.74 13.83
N PRO B 105 4.18 -8.57 8.64
CA PRO B 105 3.96 -9.75 7.83
C PRO B 105 4.92 -10.89 8.19
N GLU B 106 6.16 -10.54 8.58
CA GLU B 106 7.19 -11.50 9.06
C GLU B 106 7.98 -10.81 10.15
N PRO B 107 8.76 -11.57 10.97
CA PRO B 107 9.69 -10.93 11.90
C PRO B 107 10.66 -10.05 11.10
N ASN B 108 11.05 -8.93 11.67
CA ASN B 108 12.08 -8.02 11.14
C ASN B 108 11.48 -7.20 9.99
N LEU B 109 10.16 -7.16 9.82
CA LEU B 109 9.51 -6.26 8.81
C LEU B 109 8.25 -5.59 9.40
N ALA B 110 8.18 -4.25 9.34
CA ALA B 110 7.03 -3.45 9.77
C ALA B 110 6.60 -2.58 8.59
N ALA B 111 5.30 -2.52 8.37
CA ALA B 111 4.73 -1.74 7.26
C ALA B 111 3.66 -0.83 7.84
N VAL B 112 3.83 0.47 7.65
CA VAL B 112 2.91 1.52 8.12
C VAL B 112 1.69 1.53 7.20
N GLN B 113 0.50 1.33 7.74
CA GLN B 113 -0.75 1.19 6.94
C GLN B 113 -1.71 2.32 7.27
N LEU B 114 -2.73 2.47 6.42
CA LEU B 114 -3.89 3.36 6.72
C LEU B 114 -5.16 2.51 6.75
N PRO B 115 -5.54 1.91 7.90
CA PRO B 115 -6.73 1.07 7.93
C PRO B 115 -7.97 1.93 7.68
N ASP B 116 -8.78 1.59 6.68
CA ASP B 116 -9.99 2.38 6.34
C ASP B 116 -11.22 1.62 6.83
N ARG B 117 -11.93 2.20 7.78
CA ARG B 117 -13.22 1.69 8.32
C ARG B 117 -14.43 2.40 7.69
N SER B 118 -14.24 3.53 7.01
CA SER B 118 -15.31 4.52 6.68
C SER B 118 -16.10 4.12 5.41
N VAL B 119 -15.63 3.17 4.62
CA VAL B 119 -16.25 2.78 3.33
C VAL B 119 -17.19 1.60 3.61
N ARG B 120 -18.49 1.79 3.44
CA ARG B 120 -19.50 0.75 3.71
C ARG B 120 -19.69 -0.18 2.50
N PRO B 121 -19.81 -1.49 2.80
CA PRO B 121 -20.15 -2.49 1.78
C PRO B 121 -21.40 -2.20 0.95
N GLU B 122 -22.45 -1.65 1.58
CA GLU B 122 -23.74 -1.40 0.90
C GLU B 122 -23.54 -0.29 -0.13
N VAL B 123 -22.62 0.63 0.11
CA VAL B 123 -22.27 1.72 -0.83
C VAL B 123 -21.47 1.14 -2.00
N ILE B 124 -20.42 0.37 -1.72
CA ILE B 124 -19.56 -0.23 -2.78
C ILE B 124 -20.44 -1.07 -3.69
N ARG B 125 -21.27 -1.93 -3.10
CA ARG B 125 -22.13 -2.86 -3.88
C ARG B 125 -22.88 -2.05 -4.93
N GLU B 126 -23.52 -0.95 -4.52
CA GLU B 126 -24.40 -0.18 -5.44
C GLU B 126 -23.55 0.59 -6.45
N VAL B 127 -22.43 1.16 -6.00
CA VAL B 127 -21.63 2.08 -6.85
C VAL B 127 -20.99 1.24 -7.96
N LEU B 128 -20.41 0.10 -7.59
CA LEU B 128 -19.77 -0.82 -8.53
C LEU B 128 -20.79 -1.37 -9.55
N ARG B 129 -21.97 -1.76 -9.08
CA ARG B 129 -23.03 -2.23 -10.03
C ARG B 129 -23.39 -1.12 -11.04
N ALA B 130 -23.51 0.12 -10.56
CA ALA B 130 -23.84 1.29 -11.42
C ALA B 130 -22.68 1.61 -12.37
N CYS B 131 -21.41 1.47 -11.96
CA CYS B 131 -20.28 1.58 -12.92
C CYS B 131 -20.39 0.49 -14.00
N ARG B 132 -20.72 -0.73 -13.65
CA ARG B 132 -20.80 -1.86 -14.62
C ARG B 132 -22.02 -1.68 -15.54
N ASN B 133 -23.15 -1.23 -15.00
CA ASN B 133 -24.41 -1.01 -15.78
C ASN B 133 -24.45 0.39 -16.42
N GLN B 134 -23.49 1.28 -16.15
CA GLN B 134 -23.56 2.70 -16.58
C GLN B 134 -24.94 3.24 -16.18
N SER B 135 -25.33 3.00 -14.93
CA SER B 135 -26.59 3.41 -14.28
C SER B 135 -26.43 4.81 -13.68
N THR B 136 -27.55 5.41 -13.31
CA THR B 136 -27.61 6.66 -12.55
C THR B 136 -28.05 6.38 -11.11
N LEU B 137 -27.44 7.06 -10.14
CA LEU B 137 -27.75 6.87 -8.70
C LEU B 137 -28.28 8.16 -8.10
N LYS B 138 -29.23 8.02 -7.17
CA LYS B 138 -29.70 9.05 -6.25
C LYS B 138 -29.12 8.75 -4.88
N MSE B 139 -28.42 9.72 -4.30
CA MSE B 139 -27.83 9.51 -2.99
C MSE B 139 -27.83 10.82 -2.22
O MSE B 139 -28.10 11.87 -2.79
CB MSE B 139 -26.41 9.01 -3.18
CG MSE B 139 -25.56 9.91 -4.01
SE MSE B 139 -23.85 9.05 -4.29
CE MSE B 139 -22.73 10.64 -4.60
H MSE B 139 -28.30 10.61 -4.77
HA MSE B 139 -28.36 8.84 -2.50
HB2 MSE B 139 -26.43 8.15 -3.59
HB3 MSE B 139 -25.99 8.91 -2.33
HG2 MSE B 139 -25.44 10.78 -3.56
HG3 MSE B 139 -26.00 10.07 -4.88
HE1 MSE B 139 -21.81 10.37 -4.76
HE2 MSE B 139 -22.76 11.23 -3.82
HE3 MSE B 139 -23.05 11.13 -5.38
N ILE B 140 -27.46 10.71 -0.94
CA ILE B 140 -27.35 11.82 0.00
C ILE B 140 -25.85 12.06 0.21
N TYR B 141 -25.38 13.29 0.03
CA TYR B 141 -23.94 13.65 0.04
C TYR B 141 -23.76 14.92 0.90
N ALA B 142 -22.53 15.16 1.34
CA ALA B 142 -22.08 16.42 1.98
C ALA B 142 -20.64 16.67 1.57
N SER B 143 -20.30 17.93 1.30
CA SER B 143 -18.94 18.39 0.90
C SER B 143 -18.47 19.50 1.83
N MSE B 144 -17.16 19.82 1.77
CA MSE B 144 -16.64 20.98 2.50
C MSE B 144 -17.33 22.26 2.02
O MSE B 144 -17.64 23.13 2.84
CB MSE B 144 -15.12 21.13 2.41
CG MSE B 144 -14.31 20.03 3.06
SE MSE B 144 -14.56 19.83 5.02
CE MSE B 144 -15.62 18.25 5.28
H MSE B 144 -16.53 19.27 1.20
HA MSE B 144 -16.88 20.85 3.45
HB2 MSE B 144 -14.87 21.96 2.81
HB3 MSE B 144 -14.87 21.18 1.49
HG2 MSE B 144 -13.37 20.18 2.88
HG3 MSE B 144 -14.56 19.17 2.63
HE1 MSE B 144 -16.23 18.40 6.01
HE2 MSE B 144 -15.04 17.50 5.51
HE3 MSE B 144 -16.12 18.05 4.48
N GLN B 145 -17.58 22.38 0.71
CA GLN B 145 -18.29 23.53 0.16
C GLN B 145 -19.72 23.57 0.70
N ASN B 146 -20.44 22.44 0.66
CA ASN B 146 -21.84 22.38 1.13
C ASN B 146 -21.98 21.27 2.17
N PRO B 147 -21.62 21.52 3.45
CA PRO B 147 -21.51 20.44 4.43
C PRO B 147 -22.83 19.94 5.04
N GLN B 148 -23.96 20.53 4.65
CA GLN B 148 -25.32 20.03 4.98
C GLN B 148 -25.68 18.89 4.01
N TRP B 149 -26.22 17.79 4.51
CA TRP B 149 -26.62 16.61 3.70
C TRP B 149 -27.64 17.05 2.66
N HIS B 150 -27.40 16.72 1.40
CA HIS B 150 -28.32 17.06 0.29
C HIS B 150 -28.32 15.92 -0.74
N GLU B 151 -29.29 15.97 -1.63
CA GLU B 151 -29.47 14.97 -2.70
C GLU B 151 -28.47 15.26 -3.82
N ARG B 152 -27.86 14.19 -4.35
CA ARG B 152 -27.02 14.24 -5.56
C ARG B 152 -27.48 13.12 -6.49
N ILE B 153 -27.49 13.41 -7.77
CA ILE B 153 -27.79 12.50 -8.88
C ILE B 153 -26.51 12.36 -9.68
N ILE B 154 -25.96 11.14 -9.76
CA ILE B 154 -24.64 10.89 -10.36
C ILE B 154 -24.69 9.65 -11.26
N SER B 155 -23.91 9.71 -12.32
CA SER B 155 -23.60 8.57 -13.21
C SER B 155 -22.14 8.18 -13.02
N PRO B 156 -21.85 7.17 -12.19
CA PRO B 156 -20.47 6.79 -11.91
C PRO B 156 -19.85 5.92 -13.00
N HIS B 157 -18.54 6.02 -13.18
CA HIS B 157 -17.82 5.14 -14.14
C HIS B 157 -16.65 4.42 -13.48
N THR B 158 -15.98 4.97 -12.45
CA THR B 158 -14.73 4.34 -11.92
C THR B 158 -14.58 4.57 -10.41
N LEU B 159 -14.36 3.50 -9.64
CA LEU B 159 -13.96 3.62 -8.21
C LEU B 159 -12.47 3.94 -8.16
N VAL B 160 -12.05 4.84 -7.27
CA VAL B 160 -10.62 5.25 -7.20
C VAL B 160 -10.11 5.13 -5.77
N TYR B 161 -8.99 4.44 -5.57
CA TYR B 161 -8.22 4.48 -4.29
C TYR B 161 -7.00 5.39 -4.52
N THR B 162 -6.87 6.47 -3.75
CA THR B 162 -5.77 7.46 -3.95
C THR B 162 -4.52 7.09 -3.16
N GLY B 163 -4.58 6.06 -2.33
CA GLY B 163 -3.56 5.75 -1.31
C GLY B 163 -3.95 6.35 0.03
N PHE B 164 -4.95 7.21 0.09
CA PHE B 164 -5.42 7.83 1.35
C PHE B 164 -6.93 7.72 1.51
N ARG B 165 -7.65 7.84 0.40
CA ARG B 165 -9.13 7.92 0.39
C ARG B 165 -9.71 7.16 -0.81
N TRP B 166 -10.96 6.74 -0.68
CA TRP B 166 -11.74 6.14 -1.80
C TRP B 166 -12.71 7.19 -2.31
N HIS B 167 -12.81 7.33 -3.63
CA HIS B 167 -13.88 8.20 -4.22
C HIS B 167 -14.42 7.50 -5.46
N VAL B 168 -15.51 8.01 -6.00
CA VAL B 168 -15.96 7.56 -7.32
C VAL B 168 -15.94 8.76 -8.26
N ARG B 169 -15.45 8.52 -9.47
CA ARG B 169 -15.45 9.47 -10.59
C ARG B 169 -16.83 9.35 -11.24
N ALA B 170 -17.59 10.44 -11.27
CA ALA B 170 -19.02 10.40 -11.64
C ALA B 170 -19.46 11.72 -12.24
N TYR B 171 -20.41 11.62 -13.16
CA TYR B 171 -21.10 12.79 -13.74
C TYR B 171 -22.12 13.28 -12.74
N CSD B 172 -22.06 14.57 -12.42
CA CSD B 172 -23.00 15.17 -11.51
CB CSD B 172 -22.22 16.12 -10.61
SG CSD B 172 -23.23 16.86 -9.32
C CSD B 172 -24.09 15.86 -12.34
O CSD B 172 -23.77 16.80 -13.09
OD1 CSD B 172 -22.40 18.01 -8.87
OD2 CSD B 172 -24.46 17.43 -10.05
H CSD B 172 -21.33 15.14 -12.82
HA CSD B 172 -23.41 14.46 -10.95
HB2 CSD B 172 -21.83 16.82 -11.16
HB3 CSD B 172 -21.48 15.62 -10.20
HD2 CSD B 172 -25.00 17.78 -9.45
N HIS B 173 -25.34 15.40 -12.23
CA HIS B 173 -26.39 15.84 -13.15
C HIS B 173 -26.84 17.29 -12.87
N GLN B 174 -26.57 17.84 -11.68
CA GLN B 174 -26.88 19.25 -11.29
C GLN B 174 -25.84 20.23 -11.87
N SER B 175 -24.54 19.97 -11.68
CA SER B 175 -23.47 20.87 -12.16
C SER B 175 -23.11 20.55 -13.62
N LYS B 176 -23.61 19.44 -14.18
CA LYS B 176 -23.23 18.95 -15.53
C LYS B 176 -21.69 18.86 -15.64
N GLN B 177 -21.03 18.33 -14.64
CA GLN B 177 -19.56 18.17 -14.65
C GLN B 177 -19.21 16.79 -14.12
N PHE B 178 -18.11 16.22 -14.60
CA PHE B 178 -17.50 15.01 -14.01
C PHE B 178 -16.73 15.44 -12.73
N LYS B 179 -17.04 14.80 -11.60
CA LYS B 179 -16.42 15.16 -10.30
C LYS B 179 -16.03 13.88 -9.55
N ASP B 180 -15.32 14.07 -8.46
CA ASP B 180 -14.83 13.03 -7.53
C ASP B 180 -15.72 13.08 -6.29
N PHE B 181 -16.40 11.99 -5.95
CA PHE B 181 -17.32 11.85 -4.79
C PHE B 181 -16.74 10.86 -3.76
N LEU B 182 -16.50 11.36 -2.54
CA LEU B 182 -15.89 10.57 -1.45
C LEU B 182 -16.91 9.54 -0.99
N LEU B 183 -16.49 8.28 -0.91
CA LEU B 183 -17.35 7.15 -0.47
C LEU B 183 -17.72 7.27 0.99
N SER B 184 -16.83 7.83 1.81
CA SER B 184 -17.03 8.07 3.26
C SER B 184 -18.16 9.10 3.46
N ARG B 185 -18.51 9.90 2.46
CA ARG B 185 -19.49 11.01 2.64
C ARG B 185 -20.85 10.64 2.08
N ILE B 186 -21.08 9.37 1.70
CA ILE B 186 -22.41 8.91 1.21
C ILE B 186 -23.17 8.37 2.43
N ASP B 187 -24.31 9.00 2.75
CA ASP B 187 -25.20 8.58 3.86
C ASP B 187 -26.15 7.51 3.30
N ARG B 188 -26.31 6.39 4.00
CA ARG B 188 -27.29 5.32 3.62
C ARG B 188 -26.86 4.65 2.31
N THR B 189 -27.79 4.00 1.63
CA THR B 189 -27.58 3.21 0.40
C THR B 189 -28.02 4.00 -0.82
N PRO B 190 -27.13 4.25 -1.79
CA PRO B 190 -27.55 4.87 -3.04
C PRO B 190 -28.62 3.99 -3.71
N VAL B 191 -29.55 4.59 -4.46
CA VAL B 191 -30.60 3.80 -5.16
C VAL B 191 -30.55 4.12 -6.65
N VAL B 192 -30.79 3.12 -7.50
CA VAL B 192 -30.77 3.28 -8.96
C VAL B 192 -32.04 4.06 -9.33
N VAL B 193 -31.92 5.04 -10.22
CA VAL B 193 -33.10 5.78 -10.75
C VAL B 193 -33.02 5.74 -12.28
N ALA B 194 -34.19 5.72 -12.92
CA ALA B 194 -34.39 5.57 -14.38
C ALA B 194 -34.23 6.95 -15.01
N ILE B 195 -33.06 7.52 -14.86
CA ILE B 195 -32.65 8.84 -15.45
C ILE B 195 -31.46 8.53 -16.35
N GLU B 196 -31.47 9.05 -17.57
CA GLU B 196 -30.47 8.70 -18.62
C GLU B 196 -29.06 9.04 -18.09
N SER B 197 -28.14 8.09 -18.18
CA SER B 197 -26.75 8.27 -17.69
C SER B 197 -25.95 9.00 -18.78
N VAL B 198 -24.90 9.72 -18.42
CA VAL B 198 -24.01 10.34 -19.44
C VAL B 198 -22.90 9.35 -19.79
N ASP B 199 -22.60 9.26 -21.09
CA ASP B 199 -21.48 8.50 -21.71
C ASP B 199 -20.15 8.90 -21.04
N PRO B 200 -19.45 7.97 -20.38
CA PRO B 200 -18.18 8.25 -19.71
C PRO B 200 -17.05 8.73 -20.65
N ALA B 201 -17.11 8.37 -21.94
CA ALA B 201 -16.17 8.88 -22.97
C ALA B 201 -16.18 10.42 -23.02
N GLN B 202 -17.20 11.10 -22.50
CA GLN B 202 -17.21 12.59 -22.45
C GLN B 202 -16.44 13.16 -21.23
N ASP B 203 -15.86 12.34 -20.36
CA ASP B 203 -15.03 12.85 -19.21
C ASP B 203 -13.61 13.16 -19.75
N GLN B 204 -13.44 14.34 -20.35
CA GLN B 204 -12.19 14.84 -20.98
C GLN B 204 -11.01 14.63 -20.01
N GLN B 205 -11.13 15.15 -18.78
CA GLN B 205 -10.02 15.14 -17.78
C GLN B 205 -9.62 13.70 -17.48
N TRP B 206 -10.56 12.76 -17.55
CA TRP B 206 -10.28 11.34 -17.27
C TRP B 206 -9.53 10.69 -18.43
N HIS B 207 -9.92 10.96 -19.67
CA HIS B 207 -9.36 10.28 -20.88
C HIS B 207 -8.07 10.99 -21.36
N GLU B 208 -7.88 12.28 -21.06
CA GLU B 208 -6.67 13.04 -21.47
C GLU B 208 -5.47 12.75 -20.53
N GLU B 209 -4.33 12.40 -21.11
CA GLU B 209 -3.09 12.08 -20.36
C GLU B 209 -2.20 13.32 -20.36
N ILE B 210 -1.45 13.55 -19.28
CA ILE B 210 -0.35 14.56 -19.25
C ILE B 210 0.90 13.89 -18.66
N VAL B 211 2.07 14.41 -19.02
CA VAL B 211 3.36 13.92 -18.44
C VAL B 211 3.76 14.94 -17.35
N LEU B 212 3.76 14.49 -16.11
CA LEU B 212 4.34 15.23 -14.97
C LEU B 212 5.84 14.98 -14.96
N THR B 213 6.65 16.03 -14.88
CA THR B 213 8.12 15.90 -14.67
C THR B 213 8.46 16.35 -13.26
N LEU B 214 8.94 15.41 -12.44
CA LEU B 214 9.35 15.70 -11.05
C LEU B 214 10.87 15.76 -11.05
N ILE B 215 11.43 16.74 -10.34
CA ILE B 215 12.89 17.00 -10.29
C ILE B 215 13.27 17.22 -8.85
N PRO B 216 14.58 17.14 -8.53
CA PRO B 216 15.04 17.49 -7.19
C PRO B 216 14.76 18.99 -6.98
N ASN B 217 14.50 19.34 -5.72
CA ASN B 217 14.18 20.73 -5.31
C ASN B 217 15.38 21.61 -5.65
N PRO B 218 15.24 22.64 -6.52
CA PRO B 218 16.34 23.55 -6.83
C PRO B 218 17.03 24.24 -5.63
N LYS B 219 16.40 24.33 -4.46
CA LYS B 219 17.02 24.95 -3.25
C LYS B 219 18.12 24.05 -2.68
N LEU B 220 18.07 22.74 -2.95
CA LEU B 220 19.11 21.81 -2.49
C LEU B 220 20.41 22.11 -3.24
N ASN B 221 21.57 21.90 -2.60
CA ASN B 221 22.90 22.00 -3.26
C ASN B 221 22.99 20.77 -4.18
N SER B 222 24.01 20.71 -5.04
CA SER B 222 24.07 19.73 -6.13
C SER B 222 24.38 18.33 -5.58
N SER B 223 25.07 18.23 -4.45
CA SER B 223 25.30 16.94 -3.75
C SER B 223 23.95 16.39 -3.24
N GLN B 224 23.11 17.27 -2.72
CA GLN B 224 21.81 16.86 -2.14
C GLN B 224 20.89 16.41 -3.29
N GLN B 225 21.00 17.07 -4.45
CA GLN B 225 20.18 16.77 -5.66
C GLN B 225 20.48 15.36 -6.18
N ALA B 226 21.76 14.97 -6.19
CA ALA B 226 22.22 13.62 -6.63
C ALA B 226 21.60 12.55 -5.74
N LEU B 227 21.39 12.87 -4.46
CA LEU B 227 20.78 11.93 -3.48
C LEU B 227 19.29 11.78 -3.77
N VAL B 228 18.62 12.88 -4.08
CA VAL B 228 17.19 12.84 -4.47
C VAL B 228 17.06 11.98 -5.72
N GLU B 229 17.97 12.11 -6.70
CA GLU B 229 17.97 11.28 -7.96
C GLU B 229 18.05 9.78 -7.60
N LYS B 230 18.93 9.45 -6.67
CA LYS B 230 19.07 8.09 -6.15
C LYS B 230 17.80 7.64 -5.39
N ASP B 231 17.28 8.46 -4.49
CA ASP B 231 16.09 8.12 -3.67
C ASP B 231 14.90 7.73 -4.56
N PHE B 232 14.76 8.38 -5.72
CA PHE B 232 13.60 8.17 -6.64
C PHE B 232 13.97 7.33 -7.86
N GLY B 233 15.16 6.74 -7.88
CA GLY B 233 15.73 6.05 -9.07
C GLY B 233 15.48 6.81 -10.36
N MSE B 234 15.79 8.10 -10.36
CA MSE B 234 15.60 8.90 -11.55
C MSE B 234 16.58 8.45 -12.64
O MSE B 234 17.78 8.35 -12.39
CB MSE B 234 15.81 10.37 -11.23
CG MSE B 234 14.74 10.90 -10.32
SE MSE B 234 15.02 12.79 -10.02
CE MSE B 234 13.44 13.47 -9.03
H MSE B 234 16.18 8.53 -9.53
HA MSE B 234 14.68 8.78 -11.87
HB2 MSE B 234 15.81 10.88 -12.04
HB3 MSE B 234 16.66 10.49 -10.81
HG2 MSE B 234 14.77 10.42 -9.46
HG3 MSE B 234 13.86 10.75 -10.73
HE1 MSE B 234 13.59 14.40 -8.80
HE2 MSE B 234 13.31 12.94 -8.23
HE3 MSE B 234 12.65 13.40 -9.59
N PRO B 235 16.12 8.14 -13.86
CA PRO B 235 17.05 7.69 -14.90
C PRO B 235 17.98 8.78 -15.43
N ASP B 236 17.48 10.02 -15.61
CA ASP B 236 18.22 11.12 -16.27
C ASP B 236 17.91 12.44 -15.56
N GLY B 237 17.96 12.46 -14.24
CA GLY B 237 17.84 13.70 -13.43
C GLY B 237 16.40 14.15 -13.27
N ARG B 238 15.43 13.34 -13.70
CA ARG B 238 13.98 13.59 -13.48
C ARG B 238 13.22 12.26 -13.44
N LEU B 239 12.00 12.31 -12.91
CA LEU B 239 10.94 11.26 -13.07
C LEU B 239 9.93 11.83 -14.04
N GLN B 240 9.65 11.12 -15.12
CA GLN B 240 8.53 11.48 -16.03
C GLN B 240 7.38 10.51 -15.76
N ILE B 241 6.22 11.02 -15.37
CA ILE B 241 5.06 10.18 -14.95
C ILE B 241 3.90 10.53 -15.86
N PRO B 242 3.57 9.66 -16.85
CA PRO B 242 2.36 9.89 -17.64
C PRO B 242 1.16 9.55 -16.75
N VAL B 243 0.17 10.43 -16.69
CA VAL B 243 -1.04 10.22 -15.82
C VAL B 243 -2.27 10.89 -16.46
N LYS B 244 -3.45 10.31 -16.26
CA LYS B 244 -4.76 10.97 -16.55
C LYS B 244 -4.85 12.30 -15.79
N LYS B 245 -5.35 13.37 -16.42
CA LYS B 245 -5.41 14.73 -15.82
C LYS B 245 -6.14 14.67 -14.47
N ALA B 246 -7.25 13.93 -14.44
CA ALA B 246 -8.14 13.74 -13.27
C ALA B 246 -7.46 12.89 -12.17
N LEU B 247 -6.27 12.32 -12.39
CA LEU B 247 -5.51 11.58 -11.32
C LEU B 247 -4.19 12.28 -10.95
N ALA B 248 -3.83 13.35 -11.67
CA ALA B 248 -2.53 14.06 -11.55
C ALA B 248 -2.32 14.56 -10.11
N HIS B 249 -3.31 15.22 -9.52
CA HIS B 249 -3.24 15.80 -8.15
C HIS B 249 -2.99 14.66 -7.17
N TYR B 250 -3.65 13.52 -7.35
CA TYR B 250 -3.53 12.37 -6.41
C TYR B 250 -2.14 11.74 -6.55
N THR B 251 -1.60 11.62 -7.77
CA THR B 251 -0.26 11.08 -7.99
C THR B 251 0.76 11.95 -7.26
N LEU B 252 0.67 13.25 -7.41
CA LEU B 252 1.61 14.20 -6.79
C LEU B 252 1.55 14.07 -5.25
N GLN B 253 0.37 13.92 -4.68
CA GLN B 253 0.23 13.77 -3.20
C GLN B 253 0.81 12.42 -2.79
N ARG B 254 0.69 11.40 -3.65
CA ARG B 254 1.17 10.04 -3.33
C ARG B 254 2.69 10.09 -3.23
N TYR B 255 3.35 10.91 -4.07
CA TYR B 255 4.82 11.10 -4.09
C TYR B 255 5.27 12.17 -3.07
N GLN B 256 4.33 12.81 -2.39
CA GLN B 256 4.60 13.88 -1.37
C GLN B 256 5.37 15.04 -2.05
N THR B 257 5.00 15.40 -3.28
CA THR B 257 5.68 16.41 -4.12
C THR B 257 5.26 17.79 -3.61
N ALA B 258 6.15 18.78 -3.62
CA ALA B 258 5.74 20.19 -3.38
C ALA B 258 4.92 20.67 -4.58
N ILE B 259 3.71 21.16 -4.33
CA ILE B 259 2.84 21.84 -5.35
C ILE B 259 2.93 23.36 -5.13
N THR B 260 2.95 23.82 -3.86
CA THR B 260 2.78 25.23 -3.42
C THR B 260 4.13 25.91 -3.14
N LEU B 261 4.18 27.26 -3.16
CA LEU B 261 5.45 28.02 -2.98
C LEU B 261 6.04 27.75 -1.60
N ALA B 262 5.25 27.83 -0.53
CA ALA B 262 5.77 27.65 0.85
C ALA B 262 6.25 26.21 1.02
N GLU B 263 5.63 25.24 0.32
CA GLU B 263 6.11 23.84 0.39
C GLU B 263 7.50 23.77 -0.24
N ALA B 264 7.67 24.24 -1.48
CA ALA B 264 8.97 24.16 -2.19
C ALA B 264 10.07 24.89 -1.38
N GLU B 265 9.70 25.90 -0.60
CA GLU B 265 10.67 26.67 0.23
C GLU B 265 11.26 25.76 1.31
N ASP B 266 10.53 24.76 1.78
CA ASP B 266 11.03 23.81 2.82
C ASP B 266 11.67 22.61 2.11
N ALA B 267 12.90 22.76 1.63
CA ALA B 267 13.58 21.79 0.74
C ALA B 267 13.82 20.48 1.48
N LEU B 268 14.03 20.50 2.80
CA LEU B 268 14.27 19.24 3.57
C LEU B 268 12.96 18.43 3.62
N LYS B 269 11.84 19.07 3.83
CA LYS B 269 10.52 18.42 3.90
C LYS B 269 10.08 18.03 2.48
N TYR B 270 10.44 18.80 1.44
CA TYR B 270 9.91 18.61 0.06
C TYR B 270 11.08 18.52 -0.93
N PRO B 271 11.87 17.44 -0.89
CA PRO B 271 12.98 17.26 -1.83
C PRO B 271 12.54 17.12 -3.30
N LEU B 272 11.25 16.89 -3.53
CA LEU B 272 10.72 16.60 -4.89
C LEU B 272 9.71 17.69 -5.24
N VAL B 273 9.90 18.39 -6.35
CA VAL B 273 8.95 19.42 -6.82
C VAL B 273 8.56 19.09 -8.25
N LEU B 274 7.42 19.65 -8.65
CA LEU B 274 6.89 19.55 -10.02
C LEU B 274 7.53 20.68 -10.84
N GLN B 275 8.12 20.37 -11.98
CA GLN B 275 8.77 21.38 -12.87
C GLN B 275 7.71 22.44 -13.26
N ARG B 276 8.07 23.74 -13.24
CA ARG B 276 7.13 24.90 -13.22
C ARG B 276 6.15 24.86 -14.40
N SER B 277 6.66 24.65 -15.62
CA SER B 277 5.87 24.56 -16.89
C SER B 277 4.63 23.68 -16.67
N ASP B 278 4.77 22.58 -15.91
CA ASP B 278 3.69 21.61 -15.58
C ASP B 278 2.72 22.21 -14.55
N ILE B 279 3.21 23.00 -13.58
CA ILE B 279 2.36 23.73 -12.58
C ILE B 279 1.21 24.41 -13.36
N GLU B 280 1.51 24.99 -14.53
CA GLU B 280 0.50 25.46 -15.52
C GLU B 280 0.06 24.28 -16.40
C1 EDO C . -10.50 8.79 5.09
O1 EDO C . -11.78 8.53 4.46
C2 EDO C . -9.56 7.64 5.29
O2 EDO C . -9.68 6.92 6.50
H11 EDO C . -10.67 9.19 5.96
H12 EDO C . -10.04 9.46 4.55
HO1 EDO C . -12.16 9.27 4.39
H21 EDO C . -8.64 7.98 5.22
H22 EDO C . -9.69 7.01 4.54
HO2 EDO C . -10.50 6.85 6.72
CL CL D . -15.25 -3.84 -12.16
C1 EDO E . -18.18 17.34 -4.58
O1 EDO E . -18.90 18.57 -4.64
C2 EDO E . -17.41 17.05 -5.81
O2 EDO E . -16.03 17.45 -5.73
H11 EDO E . -18.82 16.61 -4.43
H12 EDO E . -17.57 17.37 -3.82
HO1 EDO E . -19.30 18.53 -3.89
H21 EDO E . -17.83 17.52 -6.56
H22 EDO E . -17.46 16.10 -5.99
HO2 EDO E . -15.99 18.25 -5.48
C1 EDO F . -14.10 17.06 -7.87
O1 EDO F . -13.99 18.22 -7.03
C2 EDO F . -12.92 16.88 -8.73
O2 EDO F . -12.76 17.91 -9.70
H11 EDO F . -14.90 17.14 -8.42
H12 EDO F . -14.20 16.27 -7.28
HO1 EDO F . -14.66 18.30 -6.53
H21 EDO F . -13.00 16.01 -9.19
H22 EDO F . -12.12 16.84 -8.17
HO2 EDO F . -13.18 18.60 -9.46
C1 EDO G . 5.73 15.46 3.72
O1 EDO G . 4.77 16.45 3.45
C2 EDO G . 7.00 15.66 2.99
O2 EDO G . 6.89 15.71 1.56
H11 EDO G . 5.36 14.59 3.47
H12 EDO G . 5.92 15.44 4.68
HO1 EDO G . 4.05 16.22 3.86
H21 EDO G . 7.62 14.94 3.22
H22 EDO G . 7.38 16.51 3.29
HO2 EDO G . 6.16 16.05 1.35
C1 EDO H . 9.18 13.89 -0.27
O1 EDO H . 9.83 12.63 -0.08
C2 EDO H . 9.21 14.46 -1.66
O2 EDO H . 9.05 15.92 -1.77
H11 EDO H . 9.59 14.54 0.34
H12 EDO H . 8.25 13.79 0.00
HO1 EDO H . 9.76 12.40 0.72
H21 EDO H . 8.50 14.04 -2.18
H22 EDO H . 10.07 14.22 -2.08
HO2 EDO H . 8.33 16.15 -1.38
#